data_8JLZ
#
_entry.id   8JLZ
#
_cell.length_a   1.00
_cell.length_b   1.00
_cell.length_c   1.00
_cell.angle_alpha   90.00
_cell.angle_beta   90.00
_cell.angle_gamma   90.00
#
_symmetry.space_group_name_H-M   'P 1'
#
loop_
_entity.id
_entity.type
_entity.pdbx_description
1 polymer 'Guanine nucleotide-binding protein G(s) subunit alpha isoforms short'
2 polymer 'Guanine nucleotide-binding protein G(I)/G(S)/G(T) subunit beta-1'
3 polymer 'Guanine nucleotide-binding protein G(I)/G(S)/G(O) subunit gamma-2'
4 polymer Nb35
5 polymer '5-hydroxytryptamine receptor 6'
6 non-polymer 2-(5-chloranyl-2-methyl-1~{H}-indol-3-yl)-N,N-dimethyl-ethanamine
#
loop_
_entity_poly.entity_id
_entity_poly.type
_entity_poly.pdbx_seq_one_letter_code
_entity_poly.pdbx_strand_id
1 'polypeptide(L)'
;MGCLGNSKTEDQRNEEKAQREANKKIEKQLQKDKQVYRATHRLLLLGAGESGKNTIVKQMRILHVNGFNGEGGEEDPQAA
RSNSDGEKATKVQDIKNNLKEAIETIVAAMSNLVPPVELANPENQFRVDYILSVMNVPDFDFPPEFYEHAKALWEDEGVR
ACYERSNEYQLIDCAQYFLDKIDVIKQADYVPSDQDLLRCRVLTSGIFETKFQVDKVNFHMFDVGAQRDERRKWIQCFND
VTAIIFVVASSSYNMVIREDNQTNRLQAALKLFDSIWNNKWLRDTSVILFLNKQDLLAEKVLAGKSKIEDYFPEFARYTT
PEDATPEPGEDPRVTRAKYFIRDEFLRISTASGDGRHYCYPHFTCAVDTENIRRVFNDCRDIIQRMHLRQYELL
;
A
2 'polypeptide(L)'
;MHHHHHHLEVLFQGPGSSGSELDQLRQEAEQLKNQIRDARKACADATLSQITNNIDPVGRIQMRTRRTLRGHLAKIYAMH
WGTDSRLLVSASQDGKLIIWDSYTTNKVHAIPLRSSWVMTCAYAPSGNYVACGGLDNICSIYNLKTREGNVRVSRELAGH
TGYLSCCRFLDDNQIVTSSGDTTCALWDIETGQQTTTFTGHTGDVMSLSLAPDTRLFVSGACDASAKLWDVREGMCRQTF
TGHESDINAICFFPNGNAFATGSDDATCRLFDLRADQELMTYSHDNIICGITSVSFSKSGRLLLAGYDDFNCNVWDALKA
DRAGVLAGHDNRVSCLGVTDDGMAVATGSWDSFLKIWN
;
B
3 'polypeptide(L)' NTASIAQARKLVEQLKMEANIDRIKVSKAAADLMAYCEAHAKEDPLLTPVPASENPFR G
4 'polypeptide(L)'
;QVQLQESGGGLVQPGGSLRLSCAASGFTFSNYKMNWVRQAPGKGLEWVSDISQSGASISYTGSVKGRFTISRDNAKNTLY
LQMNSLKPEDTAVYYCARCPAPFTRDCFDVTSTTYAYRGQGTQVTVSS
;
N
5 'polypeptide(L)'
;MVPEPGPTANSTPAWGAGPPSAPGGSGWVAAALCVVIALTAAANSLLIALICTQPALRNTSNFFLVSLFTSDLMVGLVVM
PPAMLNALYGRWVLARGLCLLWTAFDVMCCSASILNLCLISLDRYLLILSPLRYKLRMTPLRALALVLGAWSLAALASFL
PLLLGWHELGHARPPVPGQCRLLASLPFVLVASGLTFFLPSGAICFTYCRILLAARKQAVQVASLTTGMASQASETLQVP
RTPRPGVESADSRRLATKHSRKALKASLTLGILLGMFFVTWLPFFVANIVQAVCDCISPGLFDVLTWLGYCNSTMNPIIY
PLFMRDFKRALGRFLPCPRCPRERQASLASPSLRTSHSGPRPGLSLQQVLPLPLPPDSDSDSDAGSGGSSGLRLTAQLLL
PGEATQDPPLPTRAAAAVNFFNIDPAEPELRPHPLGIPTN
;
R
#
loop_
_chem_comp.id
_chem_comp.type
_chem_comp.name
_chem_comp.formula
UQL non-polymer 2-(5-chloranyl-2-methyl-1~{H}-indol-3-yl)-N,N-dimethyl-ethanamine 'C13 H17 Cl N2'
#
# COMPACT_ATOMS: atom_id res chain seq x y z
N THR A 9 26.60 -27.29 -28.89
CA THR A 9 25.31 -27.09 -28.23
C THR A 9 25.32 -27.68 -26.82
N GLU A 10 26.37 -28.43 -26.51
CA GLU A 10 26.50 -29.00 -25.17
C GLU A 10 26.70 -27.91 -24.12
N ASP A 11 27.46 -26.86 -24.46
CA ASP A 11 27.70 -25.79 -23.51
C ASP A 11 26.39 -25.08 -23.15
N GLN A 12 25.52 -24.86 -24.12
CA GLN A 12 24.23 -24.24 -23.83
C GLN A 12 23.41 -25.10 -22.87
N ARG A 13 23.42 -26.43 -23.08
CA ARG A 13 22.72 -27.32 -22.18
C ARG A 13 23.30 -27.25 -20.77
N ASN A 14 24.64 -27.22 -20.66
CA ASN A 14 25.26 -27.14 -19.34
C ASN A 14 24.89 -25.83 -18.63
N GLU A 15 24.90 -24.72 -19.35
CA GLU A 15 24.53 -23.44 -18.75
C GLU A 15 23.08 -23.45 -18.30
N GLU A 16 22.19 -23.98 -19.13
CA GLU A 16 20.78 -24.03 -18.75
C GLU A 16 20.58 -24.90 -17.52
N LYS A 17 21.27 -26.04 -17.46
CA LYS A 17 21.14 -26.92 -16.30
C LYS A 17 21.64 -26.24 -15.03
N ALA A 18 22.79 -25.56 -15.12
CA ALA A 18 23.31 -24.87 -13.95
C ALA A 18 22.35 -23.79 -13.47
N GLN A 19 21.80 -23.02 -14.40
CA GLN A 19 20.87 -21.95 -14.01
C GLN A 19 19.62 -22.52 -13.36
N ARG A 20 19.08 -23.62 -13.91
CA ARG A 20 17.89 -24.22 -13.30
C ARG A 20 18.19 -24.74 -11.90
N GLU A 21 19.36 -25.35 -11.72
CA GLU A 21 19.74 -25.82 -10.38
C GLU A 21 19.83 -24.66 -9.39
N ALA A 22 20.45 -23.56 -9.81
CA ALA A 22 20.55 -22.40 -8.92
C ALA A 22 19.17 -21.87 -8.57
N ASN A 23 18.27 -21.79 -9.56
CA ASN A 23 16.94 -21.28 -9.30
C ASN A 23 16.19 -22.14 -8.29
N LYS A 24 16.27 -23.46 -8.42
CA LYS A 24 15.58 -24.33 -7.48
C LYS A 24 16.16 -24.20 -6.08
N LYS A 25 17.49 -24.20 -5.98
CA LYS A 25 18.13 -24.09 -4.67
C LYS A 25 17.79 -22.78 -3.99
N ILE A 26 17.56 -21.72 -4.77
CA ILE A 26 17.14 -20.45 -4.18
C ILE A 26 15.68 -20.49 -3.76
N GLU A 27 14.81 -21.05 -4.60
CA GLU A 27 13.37 -21.03 -4.30
C GLU A 27 13.04 -21.81 -3.05
N LYS A 28 13.79 -22.88 -2.76
CA LYS A 28 13.50 -23.63 -1.53
C LYS A 28 13.64 -22.74 -0.29
N GLN A 29 14.75 -22.01 -0.21
CA GLN A 29 14.97 -21.15 0.95
C GLN A 29 14.05 -19.94 0.93
N LEU A 30 13.67 -19.47 -0.26
CA LEU A 30 12.65 -18.42 -0.34
C LEU A 30 11.35 -18.88 0.30
N GLN A 31 10.94 -20.13 0.06
CA GLN A 31 9.70 -20.62 0.65
C GLN A 31 9.82 -20.78 2.16
N LYS A 32 10.96 -21.29 2.64
CA LYS A 32 11.17 -21.34 4.08
C LYS A 32 11.06 -19.95 4.72
N ASP A 33 11.68 -18.96 4.09
CA ASP A 33 11.63 -17.60 4.63
C ASP A 33 10.22 -17.04 4.57
N LYS A 34 9.46 -17.39 3.53
CA LYS A 34 8.05 -17.01 3.48
C LYS A 34 7.30 -17.53 4.70
N GLN A 35 7.48 -18.82 5.00
CA GLN A 35 6.76 -19.41 6.12
C GLN A 35 7.16 -18.75 7.44
N VAL A 36 8.44 -18.45 7.62
CA VAL A 36 8.88 -17.80 8.85
C VAL A 36 8.36 -16.37 8.94
N TYR A 37 8.33 -15.66 7.81
CA TYR A 37 7.91 -14.26 7.79
C TYR A 37 6.44 -14.10 8.11
N ARG A 38 5.59 -14.95 7.52
CA ARG A 38 4.14 -14.74 7.66
C ARG A 38 3.67 -14.87 9.10
N ALA A 39 4.37 -15.68 9.91
CA ALA A 39 3.95 -15.94 11.28
C ALA A 39 4.59 -15.01 12.29
N THR A 40 4.93 -13.78 11.89
CA THR A 40 5.49 -12.77 12.77
C THR A 40 4.73 -11.47 12.57
N HIS A 41 4.41 -10.77 13.65
CA HIS A 41 3.70 -9.52 13.55
C HIS A 41 4.66 -8.35 13.72
N ARG A 42 4.25 -7.17 13.26
CA ARG A 42 5.09 -5.99 13.29
C ARG A 42 4.32 -4.80 13.84
N LEU A 43 5.00 -4.02 14.68
CA LEU A 43 4.40 -2.88 15.37
C LEU A 43 5.31 -1.67 15.25
N LEU A 44 4.70 -0.50 15.07
CA LEU A 44 5.47 0.74 14.96
C LEU A 44 5.21 1.60 16.20
N LEU A 45 6.27 1.90 16.96
CA LEU A 45 6.14 2.77 18.12
C LEU A 45 6.37 4.22 17.71
N LEU A 46 5.45 5.09 18.12
CA LEU A 46 5.48 6.49 17.73
C LEU A 46 4.92 7.35 18.85
N GLY A 47 5.33 8.61 18.87
CA GLY A 47 4.87 9.56 19.87
C GLY A 47 5.13 11.00 19.51
N SER A 51 6.22 11.61 27.44
CA SER A 51 6.07 10.32 26.78
C SER A 51 7.22 9.38 27.16
N GLY A 52 6.96 8.51 28.13
CA GLY A 52 7.98 7.59 28.60
C GLY A 52 8.09 6.34 27.74
N LYS A 53 8.67 6.50 26.55
CA LYS A 53 8.84 5.36 25.65
C LYS A 53 9.69 4.28 26.30
N ASN A 54 10.74 4.67 27.02
CA ASN A 54 11.59 3.69 27.68
C ASN A 54 10.80 2.88 28.71
N THR A 55 9.88 3.54 29.42
CA THR A 55 9.04 2.82 30.38
C THR A 55 8.18 1.77 29.69
N ILE A 56 7.58 2.12 28.54
CA ILE A 56 6.71 1.18 27.84
C ILE A 56 7.52 0.02 27.26
N VAL A 57 8.69 0.32 26.67
CA VAL A 57 9.49 -0.75 26.06
C VAL A 57 10.06 -1.66 27.13
N LYS A 58 10.44 -1.11 28.28
CA LYS A 58 10.98 -1.93 29.35
C LYS A 58 9.93 -2.92 29.87
N GLN A 59 8.70 -2.45 30.03
CA GLN A 59 7.61 -3.32 30.48
C GLN A 59 7.16 -4.27 29.36
N SER A 205 22.08 5.63 14.57
CA SER A 205 21.29 4.47 14.18
C SER A 205 19.83 4.86 14.01
N GLY A 206 19.33 4.70 12.79
CA GLY A 206 17.98 5.17 12.49
C GLY A 206 16.89 4.38 13.18
N ILE A 207 17.05 3.06 13.24
CA ILE A 207 15.99 2.17 13.72
C ILE A 207 16.51 1.39 14.92
N PHE A 208 15.74 1.39 16.00
CA PHE A 208 15.94 0.50 17.13
C PHE A 208 14.87 -0.57 17.09
N GLU A 209 15.28 -1.82 17.20
CA GLU A 209 14.44 -2.97 16.91
C GLU A 209 14.38 -3.90 18.12
N THR A 210 13.16 -4.32 18.47
CA THR A 210 12.97 -5.19 19.63
C THR A 210 12.09 -6.37 19.26
N LYS A 211 12.47 -7.56 19.72
CA LYS A 211 11.75 -8.79 19.45
C LYS A 211 11.33 -9.45 20.75
N PHE A 212 10.05 -9.85 20.84
CA PHE A 212 9.56 -10.54 22.03
C PHE A 212 8.37 -11.41 21.65
N GLN A 213 8.08 -12.37 22.52
CA GLN A 213 7.00 -13.32 22.30
C GLN A 213 6.10 -13.41 23.53
N VAL A 214 4.80 -13.49 23.30
CA VAL A 214 3.80 -13.69 24.35
C VAL A 214 2.88 -14.82 23.91
N ASP A 215 2.88 -15.91 24.68
CA ASP A 215 2.10 -17.11 24.35
C ASP A 215 2.51 -17.68 23.00
N LYS A 216 3.83 -17.79 22.77
CA LYS A 216 4.39 -18.40 21.57
C LYS A 216 3.96 -17.69 20.29
N VAL A 217 3.77 -16.38 20.38
CA VAL A 217 3.47 -15.54 19.22
C VAL A 217 4.50 -14.42 19.18
N ASN A 218 5.10 -14.20 18.01
CA ASN A 218 6.30 -13.37 17.88
C ASN A 218 5.97 -11.99 17.32
N PHE A 219 6.57 -10.96 17.91
CA PHE A 219 6.34 -9.59 17.51
C PHE A 219 7.66 -8.90 17.20
N HIS A 220 7.59 -7.94 16.29
CA HIS A 220 8.66 -7.03 15.96
C HIS A 220 8.21 -5.64 16.38
N MET A 221 9.10 -4.83 16.94
CA MET A 221 8.72 -3.53 17.46
C MET A 221 9.78 -2.52 17.04
N PHE A 222 9.36 -1.52 16.26
CA PHE A 222 10.27 -0.64 15.55
C PHE A 222 10.13 0.78 16.07
N ASP A 223 11.25 1.37 16.50
CA ASP A 223 11.27 2.75 16.97
C ASP A 223 12.26 3.55 16.14
N VAL A 224 11.82 4.73 15.68
CA VAL A 224 12.69 5.59 14.90
C VAL A 224 13.63 6.37 15.81
N GLY A 225 14.90 6.39 15.45
CA GLY A 225 15.90 7.05 16.26
C GLY A 225 16.47 8.30 15.63
N ALA A 226 17.65 8.20 15.05
CA ALA A 226 18.35 9.35 14.48
C ALA A 226 17.67 9.75 13.18
N GLN A 227 16.61 10.54 13.30
CA GLN A 227 15.87 11.04 12.16
C GLN A 227 15.42 12.47 12.42
N ARG A 228 15.14 13.18 11.34
CA ARG A 228 14.60 14.53 11.44
C ARG A 228 13.13 14.49 11.87
N ASP A 229 12.52 15.67 11.89
CA ASP A 229 11.14 15.81 12.31
C ASP A 229 10.17 16.05 11.15
N GLU A 230 10.62 15.89 9.91
CA GLU A 230 9.73 15.91 8.76
C GLU A 230 9.28 14.48 8.49
N ARG A 231 8.01 14.20 8.79
CA ARG A 231 7.46 12.85 8.73
C ARG A 231 6.77 12.56 7.41
N ARG A 232 6.87 13.47 6.44
CA ARG A 232 6.04 13.40 5.25
C ARG A 232 6.35 12.18 4.39
N LYS A 233 7.62 11.77 4.33
CA LYS A 233 8.04 10.80 3.33
C LYS A 233 8.47 9.44 3.86
N TRP A 234 8.93 9.34 5.10
CA TRP A 234 9.29 8.02 5.61
C TRP A 234 8.18 7.37 6.41
N ILE A 235 7.01 8.01 6.51
CA ILE A 235 5.86 7.40 7.17
C ILE A 235 5.09 6.49 6.24
N GLN A 236 5.39 6.53 4.94
CA GLN A 236 4.74 5.65 3.97
C GLN A 236 5.27 4.23 4.01
N CYS A 237 6.50 4.01 4.45
CA CYS A 237 7.07 2.67 4.47
C CYS A 237 6.52 1.81 5.60
N PHE A 238 5.50 2.29 6.31
CA PHE A 238 4.75 1.48 7.28
C PHE A 238 3.29 1.35 6.86
N ASN A 239 3.06 1.17 5.56
CA ASN A 239 1.72 1.02 5.03
C ASN A 239 1.05 -0.23 5.57
N ASP A 240 1.78 -1.35 5.62
CA ASP A 240 1.20 -2.65 5.91
C ASP A 240 1.43 -3.13 7.34
N VAL A 241 1.95 -2.28 8.23
CA VAL A 241 2.15 -2.68 9.60
C VAL A 241 0.80 -2.90 10.26
N THR A 242 0.74 -3.84 11.20
CA THR A 242 -0.56 -4.22 11.76
C THR A 242 -1.07 -3.17 12.74
N ALA A 243 -0.17 -2.46 13.43
CA ALA A 243 -0.60 -1.52 14.45
C ALA A 243 0.45 -0.44 14.68
N ILE A 244 -0.04 0.78 14.86
CA ILE A 244 0.78 1.91 15.28
C ILE A 244 0.49 2.15 16.75
N ILE A 245 1.49 1.93 17.60
CA ILE A 245 1.38 2.22 19.03
C ILE A 245 1.75 3.68 19.24
N PHE A 246 0.75 4.51 19.52
CA PHE A 246 0.94 5.95 19.70
C PHE A 246 0.89 6.26 21.19
N VAL A 247 1.99 6.79 21.72
CA VAL A 247 2.10 7.11 23.14
C VAL A 247 1.99 8.62 23.31
N VAL A 248 1.04 9.06 24.14
CA VAL A 248 0.83 10.48 24.39
C VAL A 248 0.69 10.69 25.90
N ALA A 249 1.34 11.73 26.41
CA ALA A 249 1.25 12.08 27.82
C ALA A 249 0.09 13.04 28.05
N SER A 250 -0.78 12.70 29.00
CA SER A 250 -1.97 13.49 29.31
C SER A 250 -1.71 14.27 30.57
N SER A 251 -1.34 15.54 30.43
CA SER A 251 -1.07 16.40 31.57
C SER A 251 -1.10 17.88 31.17
N THR A 263 4.56 25.74 25.13
CA THR A 263 3.58 25.27 24.15
C THR A 263 2.75 24.15 24.74
N ASN A 264 1.55 23.95 24.18
CA ASN A 264 0.69 22.84 24.57
C ASN A 264 1.03 21.60 23.76
N ARG A 265 1.45 20.55 24.45
CA ARG A 265 1.82 19.30 23.78
C ARG A 265 0.59 18.56 23.28
N LEU A 266 -0.51 18.64 24.02
CA LEU A 266 -1.68 17.82 23.72
C LEU A 266 -2.30 18.20 22.38
N GLN A 267 -2.41 19.50 22.09
CA GLN A 267 -3.04 19.90 20.84
C GLN A 267 -2.16 19.51 19.64
N ALA A 268 -0.84 19.55 19.82
CA ALA A 268 0.06 19.05 18.79
C ALA A 268 -0.15 17.56 18.57
N ALA A 269 -0.34 16.80 19.65
CA ALA A 269 -0.66 15.39 19.50
C ALA A 269 -1.96 15.20 18.73
N LEU A 270 -2.96 16.06 19.00
CA LEU A 270 -4.22 15.97 18.27
C LEU A 270 -4.02 16.19 16.77
N LYS A 271 -3.24 17.21 16.41
CA LYS A 271 -3.00 17.47 14.99
C LYS A 271 -2.23 16.32 14.33
N LEU A 272 -1.26 15.75 15.03
CA LEU A 272 -0.54 14.61 14.48
C LEU A 272 -1.47 13.42 14.28
N PHE A 273 -2.36 13.16 15.24
CA PHE A 273 -3.31 12.06 15.10
C PHE A 273 -4.26 12.30 13.94
N ASP A 274 -4.73 13.53 13.77
CA ASP A 274 -5.62 13.84 12.65
C ASP A 274 -4.92 13.64 11.33
N SER A 275 -3.65 14.03 11.23
CA SER A 275 -2.93 13.86 9.98
C SER A 275 -2.68 12.39 9.67
N ILE A 276 -2.25 11.61 10.67
CA ILE A 276 -1.96 10.19 10.42
C ILE A 276 -3.25 9.43 10.14
N TRP A 277 -4.39 9.92 10.64
CA TRP A 277 -5.66 9.23 10.44
C TRP A 277 -6.19 9.39 9.02
N ASN A 278 -6.02 10.58 8.44
CA ASN A 278 -6.63 10.93 7.16
C ASN A 278 -5.70 10.75 5.97
N ASN A 279 -4.52 10.17 6.16
CA ASN A 279 -3.59 10.02 5.05
C ASN A 279 -4.12 9.01 4.03
N LYS A 280 -3.63 9.14 2.80
CA LYS A 280 -4.14 8.34 1.70
C LYS A 280 -3.63 6.90 1.74
N TRP A 281 -2.37 6.72 2.16
CA TRP A 281 -1.76 5.40 2.21
C TRP A 281 -1.91 4.72 3.55
N LEU A 282 -2.54 5.36 4.53
CA LEU A 282 -2.66 4.82 5.87
C LEU A 282 -4.12 4.66 6.27
N ARG A 283 -5.00 4.47 5.29
CA ARG A 283 -6.43 4.26 5.53
C ARG A 283 -6.78 2.80 5.74
N ASP A 284 -5.82 1.99 6.20
CA ASP A 284 -6.10 0.60 6.55
C ASP A 284 -5.44 0.26 7.88
N THR A 285 -4.46 1.05 8.30
CA THR A 285 -3.75 0.79 9.54
C THR A 285 -4.58 1.22 10.76
N SER A 286 -4.39 0.54 11.87
CA SER A 286 -5.08 0.83 13.12
C SER A 286 -4.10 1.38 14.16
N VAL A 287 -4.67 2.04 15.16
CA VAL A 287 -3.91 2.81 16.14
C VAL A 287 -4.24 2.30 17.53
N ILE A 288 -3.22 1.91 18.28
CA ILE A 288 -3.35 1.58 19.69
C ILE A 288 -2.86 2.79 20.47
N LEU A 289 -3.75 3.43 21.21
CA LEU A 289 -3.48 4.68 21.89
C LEU A 289 -3.14 4.42 23.34
N PHE A 290 -2.05 5.03 23.82
CA PHE A 290 -1.66 4.96 25.22
C PHE A 290 -1.66 6.37 25.79
N LEU A 291 -2.38 6.55 26.90
CA LEU A 291 -2.46 7.83 27.59
C LEU A 291 -1.67 7.71 28.90
N ASN A 292 -0.44 8.21 28.87
CA ASN A 292 0.51 8.02 29.96
C ASN A 292 0.35 9.14 31.00
N LYS A 293 1.14 9.04 32.07
CA LYS A 293 1.17 10.04 33.13
C LYS A 293 -0.19 10.20 33.81
N GLN A 294 -0.69 9.10 34.37
CA GLN A 294 -1.95 9.16 35.10
C GLN A 294 -1.76 9.78 36.49
N ASP A 295 -0.61 9.52 37.12
CA ASP A 295 -0.36 10.06 38.45
C ASP A 295 -0.37 11.58 38.45
N LEU A 296 0.39 12.19 37.53
CA LEU A 296 0.38 13.65 37.43
C LEU A 296 -0.94 14.17 36.89
N LEU A 297 -1.67 13.34 36.14
CA LEU A 297 -2.99 13.73 35.68
C LEU A 297 -3.97 13.81 36.84
N ALA A 298 -3.75 13.03 37.90
CA ALA A 298 -4.64 13.03 39.05
C ALA A 298 -4.19 14.02 40.12
N GLU A 299 -2.92 13.93 40.54
CA GLU A 299 -2.44 14.73 41.66
C GLU A 299 -2.44 16.22 41.33
N LYS A 300 -1.97 16.59 40.14
CA LYS A 300 -1.80 18.00 39.82
C LYS A 300 -3.12 18.74 39.72
N VAL A 301 -4.15 18.11 39.15
CA VAL A 301 -5.43 18.79 38.95
C VAL A 301 -6.15 19.09 40.25
N LEU A 302 -5.96 18.25 41.28
CA LEU A 302 -6.58 18.53 42.58
C LEU A 302 -6.08 19.82 43.20
N ALA A 303 -4.90 20.30 42.79
CA ALA A 303 -4.36 21.55 43.32
C ALA A 303 -5.05 22.78 42.75
N GLY A 304 -5.92 22.62 41.76
CA GLY A 304 -6.62 23.73 41.18
C GLY A 304 -5.98 24.38 39.98
N LYS A 305 -4.91 23.80 39.43
CA LYS A 305 -4.28 24.34 38.23
C LYS A 305 -5.15 24.04 37.02
N SER A 306 -5.77 25.07 36.46
CA SER A 306 -6.75 24.90 35.38
C SER A 306 -6.03 24.69 34.04
N LYS A 307 -5.38 23.53 33.94
CA LYS A 307 -4.72 23.17 32.69
C LYS A 307 -5.73 22.74 31.64
N ILE A 308 -6.89 22.27 32.07
CA ILE A 308 -7.86 21.72 31.13
C ILE A 308 -8.98 22.72 30.79
N GLU A 309 -9.26 23.68 31.68
CA GLU A 309 -10.36 24.59 31.44
C GLU A 309 -9.97 25.71 30.47
N ASP A 310 -8.71 26.12 30.49
CA ASP A 310 -8.29 27.27 29.69
C ASP A 310 -7.88 26.87 28.28
N TYR A 311 -7.07 25.83 28.14
CA TYR A 311 -6.65 25.38 26.81
C TYR A 311 -7.84 24.87 26.01
N PHE A 312 -8.76 24.16 26.65
CA PHE A 312 -9.95 23.65 25.99
C PHE A 312 -11.19 24.31 26.59
N PRO A 313 -11.85 25.23 25.88
CA PRO A 313 -12.99 25.94 26.46
C PRO A 313 -14.32 25.20 26.37
N GLU A 314 -14.34 23.99 25.83
CA GLU A 314 -15.54 23.17 25.79
C GLU A 314 -15.69 22.30 27.05
N PHE A 315 -14.68 22.29 27.91
CA PHE A 315 -14.69 21.40 29.06
C PHE A 315 -15.65 21.86 30.15
N ALA A 316 -15.99 23.15 30.18
CA ALA A 316 -16.81 23.69 31.25
C ALA A 316 -18.19 23.04 31.32
N ARG A 317 -18.72 22.54 30.21
CA ARG A 317 -20.00 21.85 30.19
C ARG A 317 -19.90 20.41 29.67
N TYR A 318 -18.92 19.65 30.15
CA TYR A 318 -18.79 18.24 29.81
C TYR A 318 -19.24 17.37 30.97
N THR A 319 -20.04 16.34 30.66
CA THR A 319 -20.62 15.45 31.66
C THR A 319 -20.04 14.06 31.50
N THR A 320 -19.65 13.46 32.63
CA THR A 320 -19.02 12.15 32.61
C THR A 320 -19.98 11.10 32.05
N PRO A 321 -19.53 10.25 31.14
CA PRO A 321 -20.44 9.29 30.51
C PRO A 321 -20.93 8.23 31.50
N GLU A 322 -21.93 7.46 31.05
CA GLU A 322 -22.58 6.48 31.91
C GLU A 322 -21.75 5.21 32.09
N ASP A 323 -20.81 4.94 31.19
CA ASP A 323 -20.07 3.68 31.20
C ASP A 323 -18.74 3.76 31.94
N ALA A 324 -18.42 4.89 32.55
CA ALA A 324 -17.14 5.03 33.24
C ALA A 324 -17.06 4.10 34.44
N THR A 325 -15.93 3.42 34.57
CA THR A 325 -15.69 2.47 35.67
C THR A 325 -14.33 2.78 36.29
N PRO A 326 -14.27 3.84 37.09
CA PRO A 326 -12.99 4.22 37.70
C PRO A 326 -12.55 3.22 38.76
N GLU A 327 -11.23 3.17 38.96
CA GLU A 327 -10.68 2.38 40.05
C GLU A 327 -11.14 2.96 41.38
N PRO A 328 -11.30 2.14 42.42
CA PRO A 328 -11.78 2.65 43.71
C PRO A 328 -10.87 3.74 44.26
N GLY A 329 -11.48 4.75 44.87
CA GLY A 329 -10.76 5.87 45.43
C GLY A 329 -10.55 7.04 44.47
N GLU A 330 -11.06 6.96 43.25
CA GLU A 330 -10.85 8.03 42.28
C GLU A 330 -11.72 9.24 42.61
N ASP A 331 -11.18 10.42 42.35
CA ASP A 331 -11.94 11.66 42.50
C ASP A 331 -12.74 11.93 41.23
N PRO A 332 -13.98 12.42 41.34
CA PRO A 332 -14.77 12.68 40.13
C PRO A 332 -14.13 13.66 39.16
N ARG A 333 -13.42 14.67 39.65
CA ARG A 333 -12.77 15.62 38.74
C ARG A 333 -11.70 14.93 37.90
N VAL A 334 -10.94 14.02 38.50
CA VAL A 334 -9.88 13.31 37.78
C VAL A 334 -10.48 12.48 36.66
N THR A 335 -11.53 11.71 36.96
CA THR A 335 -12.14 10.89 35.93
C THR A 335 -12.81 11.75 34.86
N ARG A 336 -13.34 12.92 35.24
CA ARG A 336 -13.87 13.83 34.24
C ARG A 336 -12.78 14.26 33.27
N ALA A 337 -11.61 14.64 33.78
CA ALA A 337 -10.52 15.06 32.91
C ALA A 337 -10.05 13.93 32.01
N LYS A 338 -9.88 12.73 32.58
CA LYS A 338 -9.43 11.59 31.79
C LYS A 338 -10.39 11.29 30.65
N TYR A 339 -11.68 11.20 30.95
CA TYR A 339 -12.65 10.85 29.92
C TYR A 339 -12.81 11.98 28.91
N PHE A 340 -12.59 13.23 29.34
CA PHE A 340 -12.59 14.32 28.36
C PHE A 340 -11.46 14.16 27.36
N ILE A 341 -10.26 13.84 27.85
CA ILE A 341 -9.14 13.65 26.93
C ILE A 341 -9.41 12.49 25.97
N ARG A 342 -9.93 11.39 26.51
CA ARG A 342 -10.20 10.23 25.67
C ARG A 342 -11.24 10.55 24.60
N ASP A 343 -12.31 11.25 24.98
CA ASP A 343 -13.33 11.62 23.99
C ASP A 343 -12.79 12.61 22.97
N GLU A 344 -11.88 13.50 23.40
CA GLU A 344 -11.24 14.39 22.45
C GLU A 344 -10.47 13.63 21.39
N PHE A 345 -9.76 12.58 21.79
CA PHE A 345 -9.05 11.77 20.79
C PHE A 345 -10.05 10.97 19.95
N LEU A 346 -11.13 10.49 20.54
CA LEU A 346 -12.06 9.59 19.85
C LEU A 346 -13.05 10.31 18.96
N ARG A 347 -13.13 11.64 19.00
CA ARG A 347 -13.97 12.34 18.04
C ARG A 347 -13.50 12.22 16.60
N ILE A 348 -12.20 12.36 16.35
CA ILE A 348 -11.67 12.32 14.99
C ILE A 348 -11.79 10.93 14.39
N SER A 349 -11.59 9.89 15.19
CA SER A 349 -11.53 8.53 14.66
C SER A 349 -12.86 8.10 14.06
N THR A 350 -13.98 8.43 14.70
CA THR A 350 -15.27 7.96 14.24
C THR A 350 -15.71 8.68 12.96
N ALA A 351 -15.34 9.95 12.82
CA ALA A 351 -15.88 10.75 11.72
C ALA A 351 -15.38 10.28 10.36
N SER A 352 -14.18 9.69 10.30
CA SER A 352 -13.58 9.40 9.01
C SER A 352 -13.71 7.93 8.62
N GLY A 353 -13.19 7.03 9.46
CA GLY A 353 -13.06 5.64 9.09
C GLY A 353 -14.41 4.94 8.91
N ASP A 354 -14.63 4.41 7.71
CA ASP A 354 -15.85 3.67 7.41
C ASP A 354 -15.61 2.16 7.49
N GLY A 355 -15.26 1.70 8.68
CA GLY A 355 -15.18 0.29 8.97
C GLY A 355 -13.88 -0.39 8.61
N ARG A 356 -12.93 0.31 7.98
CA ARG A 356 -11.67 -0.34 7.62
C ARG A 356 -10.70 -0.37 8.79
N HIS A 357 -10.68 0.68 9.59
CA HIS A 357 -9.71 0.79 10.67
C HIS A 357 -10.34 1.47 11.87
N TYR A 358 -9.83 1.14 13.06
CA TYR A 358 -10.41 1.55 14.33
C TYR A 358 -9.34 2.13 15.24
N CYS A 359 -9.76 2.51 16.44
CA CYS A 359 -8.89 3.11 17.43
C CYS A 359 -9.18 2.50 18.80
N TYR A 360 -8.13 2.10 19.51
CA TYR A 360 -8.24 1.37 20.77
C TYR A 360 -7.61 2.15 21.91
N PRO A 361 -8.38 2.70 22.84
CA PRO A 361 -7.80 3.48 23.94
C PRO A 361 -7.44 2.59 25.11
N HIS A 362 -6.41 2.99 25.86
CA HIS A 362 -5.91 2.22 27.00
C HIS A 362 -5.22 3.18 27.97
N PHE A 363 -5.71 3.25 29.21
CA PHE A 363 -4.98 3.98 30.24
C PHE A 363 -3.85 3.12 30.78
N THR A 364 -2.69 3.73 30.99
CA THR A 364 -1.50 3.02 31.44
C THR A 364 -0.83 3.80 32.56
N CYS A 365 -0.08 3.07 33.37
CA CYS A 365 0.64 3.64 34.50
C CYS A 365 2.14 3.50 34.28
N ALA A 366 2.91 4.41 34.89
CA ALA A 366 4.36 4.33 34.80
C ALA A 366 4.88 3.03 35.40
N VAL A 367 4.33 2.60 36.53
CA VAL A 367 4.64 1.32 37.12
C VAL A 367 3.46 0.39 36.87
N ASP A 368 3.70 -0.69 36.12
CA ASP A 368 2.67 -1.62 35.69
C ASP A 368 3.36 -2.76 34.94
N THR A 369 2.60 -3.81 34.65
CA THR A 369 3.12 -4.97 33.93
C THR A 369 2.16 -5.56 32.91
N GLU A 370 1.07 -4.85 32.58
CA GLU A 370 -0.01 -5.44 31.80
C GLU A 370 -0.15 -4.82 30.40
N ASN A 371 0.85 -4.08 29.93
CA ASN A 371 0.73 -3.44 28.62
C ASN A 371 0.93 -4.43 27.47
N ILE A 372 1.85 -5.39 27.64
CA ILE A 372 2.03 -6.40 26.62
C ILE A 372 0.77 -7.22 26.40
N ARG A 373 0.03 -7.52 27.47
CA ARG A 373 -1.24 -8.22 27.33
C ARG A 373 -2.25 -7.37 26.59
N ARG A 374 -2.28 -6.06 26.86
CA ARG A 374 -3.19 -5.19 26.14
C ARG A 374 -2.89 -5.18 24.64
N VAL A 375 -1.61 -5.11 24.28
CA VAL A 375 -1.25 -5.13 22.86
C VAL A 375 -1.61 -6.47 22.24
N PHE A 376 -1.39 -7.56 22.97
CA PHE A 376 -1.74 -8.90 22.49
C PHE A 376 -3.24 -8.98 22.17
N ASN A 377 -4.07 -8.56 23.12
CA ASN A 377 -5.51 -8.61 22.92
C ASN A 377 -5.96 -7.70 21.79
N ASP A 378 -5.39 -6.50 21.70
CA ASP A 378 -5.78 -5.57 20.64
C ASP A 378 -5.43 -6.12 19.26
N CYS A 379 -4.25 -6.72 19.12
CA CYS A 379 -3.88 -7.32 17.83
C CYS A 379 -4.82 -8.46 17.47
N ARG A 380 -5.16 -9.29 18.47
CA ARG A 380 -6.19 -10.31 18.25
C ARG A 380 -7.47 -9.70 17.71
N ASP A 381 -7.93 -8.62 18.34
CA ASP A 381 -9.19 -8.01 17.94
C ASP A 381 -9.13 -7.46 16.52
N ILE A 382 -8.02 -6.80 16.17
CA ILE A 382 -7.91 -6.21 14.83
C ILE A 382 -7.93 -7.30 13.76
N ILE A 383 -7.16 -8.37 13.97
CA ILE A 383 -7.10 -9.42 12.95
C ILE A 383 -8.44 -10.15 12.85
N GLN A 384 -9.09 -10.42 13.98
CA GLN A 384 -10.41 -11.02 13.96
C GLN A 384 -11.41 -10.15 13.21
N ARG A 385 -11.34 -8.84 13.43
CA ARG A 385 -12.27 -7.92 12.77
C ARG A 385 -12.05 -7.93 11.26
N MET A 386 -10.80 -7.96 10.81
CA MET A 386 -10.54 -8.01 9.38
C MET A 386 -11.08 -9.30 8.75
N HIS A 387 -10.83 -10.44 9.40
CA HIS A 387 -11.37 -11.70 8.86
C HIS A 387 -12.89 -11.70 8.83
N LEU A 388 -13.55 -11.22 9.89
CA LEU A 388 -15.00 -11.12 9.84
C LEU A 388 -15.45 -10.18 8.74
N ARG A 389 -14.64 -9.18 8.42
CA ARG A 389 -15.05 -8.21 7.40
C ARG A 389 -15.00 -8.82 6.00
N GLN A 390 -14.00 -9.64 5.70
CA GLN A 390 -13.91 -10.14 4.32
C GLN A 390 -15.06 -11.09 3.98
N TYR A 391 -15.67 -11.73 4.97
CA TYR A 391 -16.76 -12.67 4.73
C TYR A 391 -18.14 -12.04 4.87
N GLU A 392 -18.23 -10.72 5.07
CA GLU A 392 -19.46 -9.96 5.18
C GLU A 392 -20.24 -10.26 6.45
N LEU A 393 -19.64 -10.94 7.42
CA LEU A 393 -20.34 -11.23 8.68
C LEU A 393 -20.55 -9.96 9.51
N LEU A 394 -19.53 -9.12 9.59
CA LEU A 394 -19.62 -7.88 10.36
C LEU A 394 -19.90 -6.70 9.44
N GLU B 21 22.20 44.61 8.16
CA GLU B 21 21.80 43.39 8.85
C GLU B 21 21.02 42.46 7.91
N LEU B 22 20.14 41.64 8.50
CA LEU B 22 19.39 40.66 7.71
C LEU B 22 18.55 41.34 6.62
N ASP B 23 17.99 42.52 6.91
CA ASP B 23 17.16 43.19 5.92
C ASP B 23 17.95 43.59 4.69
N GLN B 24 19.17 44.10 4.89
CA GLN B 24 20.02 44.47 3.76
C GLN B 24 20.37 43.26 2.90
N LEU B 25 20.67 42.13 3.55
CA LEU B 25 20.98 40.91 2.81
C LEU B 25 19.75 40.43 2.02
N ARG B 26 18.57 40.53 2.63
CA ARG B 26 17.35 40.15 1.91
C ARG B 26 17.12 41.05 0.72
N GLN B 27 17.37 42.35 0.88
CA GLN B 27 17.21 43.28 -0.25
C GLN B 27 18.19 42.96 -1.38
N GLU B 28 19.44 42.66 -1.02
CA GLU B 28 20.42 42.29 -2.04
C GLU B 28 20.01 41.01 -2.76
N ALA B 29 19.51 40.03 -2.01
CA ALA B 29 19.04 38.78 -2.63
C ALA B 29 17.88 39.06 -3.58
N GLU B 30 16.96 39.94 -3.18
CA GLU B 30 15.85 40.30 -4.05
C GLU B 30 16.34 40.99 -5.33
N GLN B 31 17.35 41.85 -5.20
CA GLN B 31 17.88 42.52 -6.38
C GLN B 31 18.51 41.53 -7.35
N LEU B 32 19.30 40.58 -6.83
CA LEU B 32 19.87 39.57 -7.70
C LEU B 32 18.81 38.67 -8.32
N LYS B 33 17.76 38.35 -7.56
CA LYS B 33 16.67 37.54 -8.12
C LYS B 33 15.98 38.27 -9.26
N ASN B 34 15.71 39.56 -9.08
CA ASN B 34 15.09 40.35 -10.16
C ASN B 34 16.00 40.42 -11.38
N GLN B 35 17.31 40.62 -11.15
CA GLN B 35 18.24 40.66 -12.28
C GLN B 35 18.26 39.34 -13.03
N ILE B 36 18.27 38.21 -12.32
CA ILE B 36 18.28 36.91 -12.98
C ILE B 36 16.98 36.67 -13.72
N ARG B 37 15.85 37.11 -13.15
CA ARG B 37 14.58 36.97 -13.84
C ARG B 37 14.57 37.76 -15.15
N ASP B 38 15.10 38.98 -15.11
CA ASP B 38 15.18 39.78 -16.33
C ASP B 38 16.12 39.13 -17.34
N ALA B 39 17.23 38.56 -16.88
CA ALA B 39 18.17 37.92 -17.78
C ALA B 39 17.57 36.69 -18.45
N ARG B 40 16.72 35.96 -17.71
CA ARG B 40 16.03 34.83 -18.32
C ARG B 40 14.95 35.29 -19.30
N LYS B 41 14.23 36.35 -18.96
CA LYS B 41 13.18 36.85 -19.85
C LYS B 41 13.76 37.41 -21.14
N ALA B 42 14.95 38.01 -21.07
CA ALA B 42 15.56 38.58 -22.27
C ALA B 42 15.88 37.50 -23.30
N CYS B 43 16.36 36.35 -22.86
CA CYS B 43 16.86 35.31 -23.76
C CYS B 43 15.74 34.50 -24.39
N ALA B 44 14.49 34.70 -24.01
CA ALA B 44 13.37 33.93 -24.54
C ALA B 44 12.56 34.80 -25.49
N ASP B 45 12.34 34.29 -26.69
CA ASP B 45 11.52 34.99 -27.68
C ASP B 45 10.40 34.13 -28.24
N ALA B 46 10.63 32.85 -28.46
CA ALA B 46 9.61 31.97 -29.02
C ALA B 46 9.61 30.65 -28.26
N THR B 47 8.42 30.09 -28.10
CA THR B 47 8.27 28.82 -27.40
C THR B 47 8.65 27.67 -28.32
N LEU B 48 8.90 26.51 -27.70
CA LEU B 48 9.26 25.32 -28.47
C LEU B 48 8.06 24.80 -29.26
N SER B 49 6.85 25.06 -28.78
CA SER B 49 5.66 24.60 -29.48
C SER B 49 5.48 25.34 -30.81
N GLN B 50 5.86 26.62 -30.85
CA GLN B 50 5.76 27.38 -32.10
C GLN B 50 6.71 26.85 -33.15
N ILE B 51 7.71 26.08 -32.75
CA ILE B 51 8.64 25.49 -33.71
C ILE B 51 8.20 24.08 -34.10
N THR B 52 7.99 23.20 -33.13
CA THR B 52 7.53 21.84 -33.41
C THR B 52 6.03 21.89 -33.65
N ASN B 53 5.67 22.33 -34.86
CA ASN B 53 4.29 22.45 -35.27
C ASN B 53 3.92 21.61 -36.49
N ASN B 54 4.72 21.66 -37.55
CA ASN B 54 4.42 20.96 -38.80
C ASN B 54 4.99 19.55 -38.85
N ILE B 55 5.70 19.12 -37.81
CA ILE B 55 6.33 17.80 -37.82
C ILE B 55 5.27 16.72 -37.66
N ASP B 56 5.50 15.58 -38.30
CA ASP B 56 4.51 14.52 -38.31
C ASP B 56 4.30 13.95 -36.91
N PRO B 57 3.08 13.51 -36.61
CA PRO B 57 2.82 12.92 -35.29
C PRO B 57 3.47 11.54 -35.16
N VAL B 58 3.63 11.12 -33.91
CA VAL B 58 4.24 9.81 -33.66
C VAL B 58 3.22 8.70 -33.82
N GLY B 59 1.93 9.01 -33.64
CA GLY B 59 0.88 8.04 -33.79
C GLY B 59 0.71 7.16 -32.56
N ARG B 60 -0.37 6.40 -32.56
CA ARG B 60 -0.67 5.51 -31.46
C ARG B 60 0.39 4.41 -31.37
N ILE B 61 0.73 4.04 -30.14
CA ILE B 61 1.69 2.97 -29.87
C ILE B 61 1.04 2.01 -28.89
N GLN B 62 1.45 0.75 -28.94
CA GLN B 62 0.94 -0.28 -28.05
C GLN B 62 2.08 -1.11 -27.52
N MET B 63 1.97 -1.54 -26.27
CA MET B 63 2.95 -2.41 -25.64
C MET B 63 2.21 -3.45 -24.82
N ARG B 64 2.72 -4.68 -24.84
CA ARG B 64 2.08 -5.79 -24.16
C ARG B 64 3.05 -6.40 -23.16
N THR B 65 2.51 -6.82 -22.01
CA THR B 65 3.34 -7.33 -20.93
C THR B 65 3.86 -8.71 -21.31
N ARG B 66 4.94 -8.75 -22.07
CA ARG B 66 5.50 -10.00 -22.56
C ARG B 66 6.57 -10.50 -21.59
N ARG B 67 6.23 -10.47 -20.29
CA ARG B 67 7.01 -11.07 -19.21
C ARG B 67 6.29 -10.80 -17.90
N THR B 68 6.67 -11.51 -16.84
CA THR B 68 6.21 -11.22 -15.49
C THR B 68 7.15 -11.91 -14.52
N LEU B 69 7.61 -11.19 -13.51
CA LEU B 69 8.64 -11.66 -12.60
C LEU B 69 8.06 -11.73 -11.19
N ARG B 70 8.04 -12.93 -10.61
CA ARG B 70 7.39 -13.18 -9.33
C ARG B 70 8.39 -13.71 -8.32
N GLY B 71 8.09 -13.51 -7.04
CA GLY B 71 8.87 -14.07 -5.97
C GLY B 71 9.22 -13.16 -4.80
N HIS B 72 8.64 -11.96 -4.72
CA HIS B 72 8.88 -11.08 -3.58
C HIS B 72 7.71 -11.16 -2.59
N LEU B 73 8.00 -10.90 -1.32
CA LEU B 73 6.97 -11.01 -0.28
C LEU B 73 6.26 -9.68 -0.04
N ALA B 74 6.99 -8.56 -0.11
CA ALA B 74 6.45 -7.23 0.14
C ALA B 74 6.63 -6.37 -1.10
N LYS B 75 6.36 -5.08 -0.96
CA LYS B 75 6.38 -4.17 -2.10
C LYS B 75 7.80 -3.88 -2.55
N ILE B 76 7.90 -3.18 -3.69
CA ILE B 76 9.18 -2.91 -4.35
C ILE B 76 9.39 -1.40 -4.39
N TYR B 77 10.52 -0.94 -3.84
CA TYR B 77 10.88 0.47 -3.90
C TYR B 77 11.87 0.80 -5.00
N ALA B 78 12.72 -0.12 -5.43
CA ALA B 78 13.78 0.27 -6.34
C ALA B 78 14.25 -0.93 -7.16
N MET B 79 14.56 -0.65 -8.43
CA MET B 79 15.19 -1.61 -9.33
C MET B 79 16.19 -0.88 -10.20
N HIS B 80 17.12 -1.64 -10.77
CA HIS B 80 18.15 -1.05 -11.61
C HIS B 80 18.57 -2.04 -12.69
N TRP B 81 18.77 -1.53 -13.90
CA TRP B 81 19.21 -2.33 -15.04
C TRP B 81 20.71 -2.60 -14.95
N GLY B 82 21.26 -3.25 -15.98
CA GLY B 82 22.68 -3.51 -16.06
C GLY B 82 23.23 -3.00 -17.38
N THR B 83 24.53 -3.26 -17.57
CA THR B 83 25.20 -2.74 -18.75
C THR B 83 24.84 -3.53 -20.00
N ASP B 84 24.67 -4.84 -19.86
CA ASP B 84 24.43 -5.72 -21.01
C ASP B 84 22.96 -5.89 -21.35
N SER B 85 22.06 -5.18 -20.66
CA SER B 85 20.63 -5.22 -20.94
C SER B 85 20.05 -6.61 -20.72
N ARG B 86 20.69 -7.39 -19.85
CA ARG B 86 20.24 -8.74 -19.51
C ARG B 86 19.82 -8.86 -18.06
N LEU B 87 20.67 -8.46 -17.13
CA LEU B 87 20.44 -8.64 -15.71
C LEU B 87 19.99 -7.34 -15.06
N LEU B 88 19.06 -7.46 -14.10
CA LEU B 88 18.61 -6.34 -13.30
C LEU B 88 18.55 -6.77 -11.85
N VAL B 89 18.59 -5.80 -10.94
CA VAL B 89 18.54 -6.08 -9.51
C VAL B 89 17.38 -5.32 -8.90
N SER B 90 16.69 -5.96 -7.94
CA SER B 90 15.50 -5.39 -7.31
C SER B 90 15.60 -5.50 -5.80
N ALA B 91 15.08 -4.48 -5.11
CA ALA B 91 15.16 -4.40 -3.65
C ALA B 91 13.76 -4.39 -3.04
N SER B 92 13.53 -5.24 -2.03
CA SER B 92 12.21 -5.33 -1.41
C SER B 92 12.31 -5.15 0.10
N GLN B 93 11.17 -4.83 0.71
CA GLN B 93 11.12 -4.52 2.13
C GLN B 93 10.93 -5.74 3.02
N ASP B 94 10.76 -6.93 2.45
CA ASP B 94 10.88 -8.13 3.25
C ASP B 94 12.32 -8.41 3.65
N GLY B 95 13.28 -7.67 3.11
CA GLY B 95 14.68 -7.83 3.45
C GLY B 95 15.42 -8.66 2.42
N LYS B 96 15.12 -8.47 1.15
CA LYS B 96 15.69 -9.27 0.08
C LYS B 96 16.18 -8.40 -1.06
N LEU B 97 17.35 -8.76 -1.59
CA LEU B 97 17.93 -8.13 -2.77
C LEU B 97 18.11 -9.21 -3.83
N ILE B 98 17.30 -9.17 -4.88
CA ILE B 98 17.23 -10.25 -5.86
C ILE B 98 17.90 -9.81 -7.14
N ILE B 99 18.79 -10.65 -7.68
CA ILE B 99 19.31 -10.49 -9.03
C ILE B 99 18.55 -11.42 -9.96
N TRP B 100 18.05 -10.89 -11.07
CA TRP B 100 17.21 -11.64 -11.99
C TRP B 100 17.93 -11.87 -13.30
N ASP B 101 17.21 -12.48 -14.24
CA ASP B 101 17.65 -12.63 -15.62
C ASP B 101 16.43 -12.46 -16.50
N SER B 102 16.41 -11.38 -17.28
CA SER B 102 15.20 -11.01 -18.01
C SER B 102 14.81 -12.01 -19.09
N TYR B 103 15.74 -12.85 -19.55
CA TYR B 103 15.51 -13.71 -20.69
C TYR B 103 14.91 -15.05 -20.28
N THR B 104 15.61 -15.81 -19.44
CA THR B 104 15.14 -17.14 -19.06
C THR B 104 14.31 -17.15 -17.78
N THR B 105 14.11 -15.99 -17.15
CA THR B 105 13.30 -15.88 -15.93
C THR B 105 13.86 -16.77 -14.83
N ASN B 106 15.11 -16.53 -14.46
CA ASN B 106 15.79 -17.29 -13.43
C ASN B 106 16.42 -16.32 -12.44
N LYS B 107 16.61 -16.77 -11.21
CA LYS B 107 17.25 -15.98 -10.19
C LYS B 107 18.67 -16.48 -9.98
N VAL B 108 19.63 -15.58 -10.01
CA VAL B 108 21.05 -15.93 -9.88
C VAL B 108 21.53 -15.78 -8.44
N HIS B 109 21.19 -14.68 -7.78
CA HIS B 109 21.51 -14.48 -6.38
C HIS B 109 20.33 -13.86 -5.64
N ALA B 110 20.29 -14.14 -4.34
CA ALA B 110 19.24 -13.60 -3.45
C ALA B 110 19.92 -13.24 -2.13
N ILE B 111 20.34 -11.99 -2.01
CA ILE B 111 21.10 -11.55 -0.83
C ILE B 111 20.13 -11.24 0.30
N PRO B 112 20.31 -11.84 1.48
CA PRO B 112 19.62 -11.36 2.68
C PRO B 112 20.20 -10.04 3.15
N LEU B 113 19.42 -9.31 3.93
CA LEU B 113 19.80 -7.99 4.40
C LEU B 113 19.63 -7.89 5.91
N ARG B 114 20.58 -7.22 6.56
CA ARG B 114 20.51 -7.04 8.01
C ARG B 114 19.42 -6.05 8.41
N SER B 115 19.02 -5.17 7.49
CA SER B 115 17.94 -4.23 7.71
C SER B 115 16.80 -4.51 6.73
N SER B 116 15.59 -4.57 7.24
CA SER B 116 14.45 -4.89 6.38
C SER B 116 13.99 -3.69 5.55
N TRP B 117 14.13 -2.48 6.08
CA TRP B 117 13.61 -1.28 5.43
C TRP B 117 14.66 -0.72 4.47
N VAL B 118 14.63 -1.18 3.22
CA VAL B 118 15.52 -0.68 2.18
C VAL B 118 14.72 0.25 1.28
N MET B 119 15.42 1.14 0.61
CA MET B 119 14.74 2.11 -0.24
C MET B 119 15.40 2.34 -1.59
N THR B 120 16.63 1.87 -1.82
CA THR B 120 17.32 2.14 -3.07
C THR B 120 18.20 0.97 -3.44
N CYS B 121 18.51 0.88 -4.74
CA CYS B 121 19.35 -0.17 -5.29
C CYS B 121 20.17 0.40 -6.42
N ALA B 122 21.33 -0.22 -6.68
CA ALA B 122 22.22 0.21 -7.74
C ALA B 122 23.10 -0.96 -8.17
N TYR B 123 23.44 -0.97 -9.46
CA TYR B 123 24.23 -2.04 -10.04
C TYR B 123 25.44 -1.40 -10.72
N ALA B 124 26.63 -1.85 -10.34
CA ALA B 124 27.86 -1.24 -10.83
C ALA B 124 28.06 -1.53 -12.31
N PRO B 125 28.68 -0.61 -13.05
CA PRO B 125 28.80 -0.81 -14.50
C PRO B 125 29.75 -1.93 -14.88
N SER B 126 30.67 -2.30 -14.00
CA SER B 126 31.59 -3.40 -14.28
C SER B 126 30.97 -4.77 -14.03
N GLY B 127 29.77 -4.81 -13.45
CA GLY B 127 29.12 -6.06 -13.15
C GLY B 127 29.64 -6.79 -11.94
N ASN B 128 30.49 -6.16 -11.13
CA ASN B 128 31.13 -6.89 -10.04
C ASN B 128 30.49 -6.60 -8.69
N TYR B 129 29.85 -5.44 -8.52
CA TYR B 129 29.37 -5.02 -7.22
C TYR B 129 27.90 -4.64 -7.28
N VAL B 130 27.24 -4.67 -6.13
CA VAL B 130 25.87 -4.17 -5.98
C VAL B 130 25.81 -3.31 -4.73
N ALA B 131 24.93 -2.32 -4.72
CA ALA B 131 24.76 -1.41 -3.59
C ALA B 131 23.38 -1.55 -2.98
N CYS B 132 23.28 -1.24 -1.69
CA CYS B 132 22.00 -1.25 -1.00
C CYS B 132 22.00 -0.20 0.11
N GLY B 133 20.81 0.25 0.48
CA GLY B 133 20.67 1.25 1.53
C GLY B 133 19.21 1.50 1.85
N GLY B 134 18.98 2.15 2.98
CA GLY B 134 17.62 2.43 3.43
C GLY B 134 17.52 3.22 4.72
N LEU B 135 16.66 2.77 5.63
CA LEU B 135 16.41 3.49 6.88
C LEU B 135 17.44 3.20 7.95
N ASP B 136 18.51 2.47 7.65
CA ASP B 136 19.57 2.23 8.61
C ASP B 136 20.70 3.24 8.50
N ASN B 137 20.59 4.20 7.59
CA ASN B 137 21.55 5.30 7.42
C ASN B 137 22.92 4.82 6.94
N ILE B 138 23.02 3.61 6.42
CA ILE B 138 24.30 3.00 6.05
C ILE B 138 24.19 2.45 4.63
N CYS B 139 25.19 2.73 3.81
CA CYS B 139 25.24 2.22 2.44
C CYS B 139 26.15 1.00 2.40
N SER B 140 25.63 -0.12 1.91
CA SER B 140 26.35 -1.39 1.94
C SER B 140 26.69 -1.84 0.54
N ILE B 141 27.93 -2.29 0.35
CA ILE B 141 28.43 -2.77 -0.93
C ILE B 141 28.57 -4.28 -0.83
N TYR B 142 27.95 -5.00 -1.77
CA TYR B 142 28.00 -6.45 -1.83
C TYR B 142 28.83 -6.89 -3.02
N ASN B 143 29.77 -7.80 -2.76
CA ASN B 143 30.67 -8.34 -3.78
C ASN B 143 30.07 -9.57 -4.41
N LEU B 144 30.29 -9.73 -5.71
CA LEU B 144 29.73 -10.83 -6.48
C LEU B 144 30.78 -11.77 -7.04
N LYS B 145 32.06 -11.46 -6.88
CA LYS B 145 33.14 -12.29 -7.39
C LYS B 145 33.99 -12.73 -6.21
N THR B 146 33.64 -13.86 -5.59
CA THR B 146 34.30 -14.34 -4.41
C THR B 146 34.83 -15.75 -4.64
N ARG B 147 36.08 -15.97 -4.24
CA ARG B 147 36.69 -17.29 -4.38
C ARG B 147 35.94 -18.34 -3.57
N GLU B 148 35.51 -17.97 -2.36
CA GLU B 148 34.71 -18.90 -1.55
C GLU B 148 33.36 -19.18 -2.20
N GLY B 149 32.86 -18.27 -3.02
CA GLY B 149 31.58 -18.44 -3.69
C GLY B 149 30.39 -17.85 -2.98
N ASN B 150 30.59 -17.21 -1.83
CA ASN B 150 29.52 -16.64 -1.04
C ASN B 150 29.52 -15.13 -1.19
N VAL B 151 28.34 -14.54 -1.34
CA VAL B 151 28.21 -13.10 -1.46
C VAL B 151 28.07 -12.49 -0.07
N ARG B 152 29.05 -11.69 0.32
CA ARG B 152 29.12 -11.10 1.64
C ARG B 152 29.36 -9.59 1.53
N VAL B 153 29.29 -8.91 2.66
CA VAL B 153 29.53 -7.47 2.70
C VAL B 153 31.01 -7.21 2.45
N SER B 154 31.30 -6.23 1.60
CA SER B 154 32.66 -5.80 1.38
C SER B 154 32.97 -4.45 2.02
N ARG B 155 31.97 -3.60 2.18
CA ARG B 155 32.17 -2.30 2.79
C ARG B 155 30.84 -1.73 3.26
N GLU B 156 30.86 -1.10 4.43
CA GLU B 156 29.72 -0.36 4.96
C GLU B 156 30.14 1.09 5.15
N LEU B 157 29.35 2.00 4.61
CA LEU B 157 29.63 3.43 4.66
C LEU B 157 28.60 4.08 5.58
N ALA B 158 29.10 4.76 6.63
CA ALA B 158 28.26 5.31 7.70
C ALA B 158 28.75 6.69 8.06
N GLY B 159 28.19 7.70 7.42
CA GLY B 159 28.50 9.08 7.75
C GLY B 159 27.29 9.99 7.59
N HIS B 160 26.12 9.40 7.43
CA HIS B 160 24.90 10.15 7.18
C HIS B 160 24.04 10.17 8.44
N THR B 161 23.13 11.14 8.51
CA THR B 161 22.20 11.25 9.63
C THR B 161 20.75 11.24 9.18
N GLY B 162 20.47 10.65 8.01
CA GLY B 162 19.12 10.56 7.51
C GLY B 162 19.03 9.47 6.47
N TYR B 163 17.81 9.04 6.19
CA TYR B 163 17.60 7.88 5.35
C TYR B 163 18.16 8.11 3.94
N LEU B 164 18.71 7.05 3.35
CA LEU B 164 19.28 7.12 2.01
C LEU B 164 18.20 6.89 0.96
N SER B 165 18.09 7.81 0.02
CA SER B 165 17.04 7.77 -0.98
C SER B 165 17.50 7.32 -2.36
N CYS B 166 18.77 7.54 -2.72
CA CYS B 166 19.26 7.12 -4.03
C CYS B 166 20.79 7.12 -4.00
N CYS B 167 21.38 6.12 -4.67
CA CYS B 167 22.82 6.02 -4.78
C CYS B 167 23.18 5.45 -6.14
N ARG B 168 24.28 5.95 -6.72
CA ARG B 168 24.74 5.49 -8.03
C ARG B 168 26.25 5.35 -8.07
N PHE B 169 26.71 4.37 -8.84
CA PHE B 169 28.12 4.05 -9.01
C PHE B 169 28.74 4.95 -10.08
N LEU B 170 30.01 5.29 -9.88
CA LEU B 170 30.80 5.95 -10.93
C LEU B 170 31.81 4.98 -11.54
N ASP B 171 32.67 4.41 -10.69
CA ASP B 171 33.56 3.32 -11.05
C ASP B 171 33.46 2.25 -9.98
N ASP B 172 34.35 1.28 -9.98
CA ASP B 172 34.36 0.27 -8.92
C ASP B 172 34.92 0.79 -7.60
N ASN B 173 35.32 2.06 -7.53
CA ASN B 173 35.88 2.63 -6.31
C ASN B 173 35.17 3.88 -5.79
N GLN B 174 34.26 4.47 -6.57
CA GLN B 174 33.58 5.69 -6.18
C GLN B 174 32.06 5.48 -6.19
N ILE B 175 31.37 6.17 -5.27
CA ILE B 175 29.93 6.10 -5.19
C ILE B 175 29.40 7.47 -4.78
N VAL B 176 28.19 7.78 -5.22
CA VAL B 176 27.50 9.02 -4.87
C VAL B 176 26.20 8.66 -4.16
N THR B 177 25.97 9.25 -2.99
CA THR B 177 24.80 8.93 -2.17
C THR B 177 24.01 10.19 -1.86
N SER B 178 22.71 10.00 -1.62
CA SER B 178 21.75 11.06 -1.36
C SER B 178 20.89 10.69 -0.17
N SER B 179 20.65 11.64 0.72
CA SER B 179 19.98 11.38 1.99
C SER B 179 18.94 12.45 2.29
N GLY B 180 18.21 12.25 3.38
CA GLY B 180 17.24 13.20 3.89
C GLY B 180 17.82 14.26 4.79
N ASP B 181 19.15 14.39 4.81
CA ASP B 181 19.84 15.41 5.58
C ASP B 181 19.97 16.72 4.82
N THR B 182 19.46 16.77 3.59
CA THR B 182 19.66 17.88 2.65
C THR B 182 21.12 17.95 2.19
N THR B 183 21.72 16.79 1.96
CA THR B 183 23.11 16.70 1.55
C THR B 183 23.27 15.62 0.49
N CYS B 184 24.39 15.69 -0.23
CA CYS B 184 24.84 14.61 -1.09
C CYS B 184 26.31 14.34 -0.80
N ALA B 185 26.73 13.10 -1.01
CA ALA B 185 28.09 12.70 -0.63
C ALA B 185 28.76 11.92 -1.75
N LEU B 186 30.07 12.13 -1.88
CA LEU B 186 30.92 11.33 -2.77
C LEU B 186 31.89 10.54 -1.89
N TRP B 187 31.95 9.24 -2.10
CA TRP B 187 32.72 8.36 -1.23
C TRP B 187 33.96 7.82 -1.92
N ASP B 188 34.63 6.91 -1.23
CA ASP B 188 35.77 6.17 -1.75
C ASP B 188 35.74 4.80 -1.08
N ILE B 189 35.36 3.77 -1.84
CA ILE B 189 35.08 2.46 -1.25
C ILE B 189 36.34 1.85 -0.65
N GLU B 190 37.49 2.06 -1.31
CA GLU B 190 38.71 1.38 -0.87
C GLU B 190 39.12 1.82 0.53
N THR B 191 39.04 3.11 0.83
CA THR B 191 39.47 3.63 2.11
C THR B 191 38.35 3.66 3.14
N GLY B 192 37.19 4.16 2.76
CA GLY B 192 36.06 4.26 3.65
C GLY B 192 35.79 5.65 4.21
N GLN B 193 35.91 6.69 3.40
CA GLN B 193 35.76 8.06 3.87
C GLN B 193 35.08 8.90 2.80
N GLN B 194 34.42 9.96 3.24
CA GLN B 194 33.80 10.90 2.31
C GLN B 194 34.84 11.86 1.76
N THR B 195 34.77 12.11 0.46
CA THR B 195 35.71 13.00 -0.22
C THR B 195 35.14 14.40 -0.42
N THR B 196 33.88 14.50 -0.82
CA THR B 196 33.24 15.79 -1.02
C THR B 196 31.78 15.70 -0.60
N THR B 197 31.27 16.81 -0.05
CA THR B 197 29.89 16.90 0.42
C THR B 197 29.23 18.11 -0.22
N PHE B 198 28.05 17.89 -0.79
CA PHE B 198 27.29 18.92 -1.50
C PHE B 198 26.12 19.32 -0.61
N THR B 199 26.05 20.61 -0.26
CA THR B 199 25.05 21.12 0.68
C THR B 199 24.48 22.43 0.14
N GLY B 200 23.35 22.35 -0.56
CA GLY B 200 22.66 23.54 -0.98
C GLY B 200 21.16 23.49 -0.78
N HIS B 201 20.62 22.31 -0.51
CA HIS B 201 19.17 22.12 -0.48
C HIS B 201 18.59 22.44 0.88
N THR B 202 17.31 22.81 0.89
CA THR B 202 16.61 23.15 2.12
C THR B 202 15.65 22.07 2.58
N GLY B 203 15.20 21.19 1.69
CA GLY B 203 14.38 20.06 2.05
C GLY B 203 15.03 18.76 1.61
N ASP B 204 14.37 17.66 1.93
CA ASP B 204 14.91 16.34 1.63
C ASP B 204 15.12 16.20 0.13
N VAL B 205 16.31 15.73 -0.25
CA VAL B 205 16.64 15.47 -1.65
C VAL B 205 16.28 14.02 -1.96
N MET B 206 15.50 13.83 -3.04
CA MET B 206 14.83 12.56 -3.26
C MET B 206 15.50 11.68 -4.30
N SER B 207 15.99 12.26 -5.40
CA SER B 207 16.57 11.50 -6.48
C SER B 207 17.72 12.26 -7.11
N LEU B 208 18.55 11.52 -7.86
CA LEU B 208 19.64 12.12 -8.62
C LEU B 208 19.99 11.22 -9.79
N SER B 209 20.67 11.80 -10.77
CA SER B 209 21.03 11.10 -12.00
C SER B 209 22.33 11.66 -12.56
N LEU B 210 23.13 10.78 -13.14
CA LEU B 210 24.47 11.13 -13.62
C LEU B 210 24.45 11.44 -15.10
N ALA B 211 25.25 12.42 -15.50
CA ALA B 211 25.41 12.75 -16.90
C ALA B 211 26.23 11.67 -17.61
N PRO B 212 26.11 11.57 -18.93
CA PRO B 212 26.85 10.51 -19.64
C PRO B 212 28.35 10.56 -19.47
N ASP B 213 28.95 11.74 -19.31
CA ASP B 213 30.40 11.86 -19.22
C ASP B 213 30.93 11.82 -17.80
N THR B 214 30.08 11.61 -16.81
CA THR B 214 30.49 11.39 -15.41
C THR B 214 31.13 12.65 -14.84
N ARG B 215 30.79 13.81 -15.40
CA ARG B 215 31.32 15.08 -14.95
C ARG B 215 30.33 15.90 -14.11
N LEU B 216 29.04 15.84 -14.43
CA LEU B 216 28.03 16.61 -13.73
C LEU B 216 26.87 15.71 -13.33
N PHE B 217 26.01 16.21 -12.44
CA PHE B 217 24.76 15.55 -12.13
C PHE B 217 23.77 16.55 -11.56
N VAL B 218 22.49 16.24 -11.76
CA VAL B 218 21.38 17.06 -11.28
C VAL B 218 20.69 16.32 -10.14
N SER B 219 20.10 17.09 -9.23
CA SER B 219 19.36 16.53 -8.10
C SER B 219 18.05 17.29 -7.91
N GLY B 220 17.04 16.57 -7.46
CA GLY B 220 15.74 17.16 -7.15
C GLY B 220 15.37 16.91 -5.71
N ALA B 221 14.71 17.89 -5.10
CA ALA B 221 14.46 17.83 -3.66
C ALA B 221 13.05 18.22 -3.28
N CYS B 222 12.77 18.21 -1.98
CA CYS B 222 11.44 18.49 -1.44
C CYS B 222 11.17 19.97 -1.22
N ASP B 223 11.91 20.85 -1.88
CA ASP B 223 11.64 22.27 -1.87
C ASP B 223 11.23 22.81 -3.24
N ALA B 224 10.89 21.91 -4.17
CA ALA B 224 10.41 22.28 -5.51
C ALA B 224 11.50 23.00 -6.31
N SER B 225 12.67 22.38 -6.40
CA SER B 225 13.77 22.93 -7.17
C SER B 225 14.68 21.81 -7.64
N ALA B 226 15.43 22.07 -8.70
CA ALA B 226 16.45 21.17 -9.21
C ALA B 226 17.80 21.88 -9.21
N LYS B 227 18.88 21.15 -8.96
CA LYS B 227 20.19 21.77 -8.87
C LYS B 227 21.20 21.00 -9.70
N LEU B 228 22.17 21.75 -10.25
CA LEU B 228 23.24 21.21 -11.09
C LEU B 228 24.56 21.28 -10.33
N TRP B 229 25.30 20.19 -10.32
CA TRP B 229 26.54 20.09 -9.53
C TRP B 229 27.73 19.80 -10.43
N ASP B 230 28.91 19.93 -9.84
CA ASP B 230 30.16 19.52 -10.46
C ASP B 230 30.87 18.53 -9.53
N VAL B 231 31.45 17.48 -10.10
CA VAL B 231 31.92 16.37 -9.28
C VAL B 231 33.32 16.64 -8.75
N ARG B 232 34.20 17.24 -9.56
CA ARG B 232 35.56 17.51 -9.10
C ARG B 232 35.61 18.74 -8.20
N GLU B 233 35.08 19.87 -8.69
CA GLU B 233 35.16 21.11 -7.92
C GLU B 233 34.28 21.08 -6.68
N GLY B 234 33.08 20.51 -6.79
CA GLY B 234 32.19 20.45 -5.64
C GLY B 234 31.27 21.64 -5.45
N MET B 235 31.05 22.43 -6.48
CA MET B 235 30.25 23.65 -6.40
C MET B 235 29.01 23.53 -7.27
N CYS B 236 27.97 24.28 -6.90
CA CYS B 236 26.71 24.28 -7.62
C CYS B 236 26.70 25.39 -8.65
N ARG B 237 26.17 25.09 -9.83
CA ARG B 237 26.18 26.02 -10.96
C ARG B 237 24.82 26.55 -11.35
N GLN B 238 23.77 25.72 -11.32
CA GLN B 238 22.46 26.17 -11.77
C GLN B 238 21.39 25.68 -10.79
N THR B 239 20.35 26.50 -10.63
CA THR B 239 19.17 26.15 -9.84
C THR B 239 17.93 26.47 -10.66
N PHE B 240 17.01 25.51 -10.74
CA PHE B 240 15.82 25.61 -11.56
C PHE B 240 14.57 25.50 -10.69
N THR B 241 13.64 26.44 -10.86
CA THR B 241 12.42 26.50 -10.08
C THR B 241 11.25 26.75 -11.02
N GLY B 242 10.42 25.73 -11.21
CA GLY B 242 9.21 25.89 -11.99
C GLY B 242 8.04 25.04 -11.53
N HIS B 243 8.18 24.37 -10.40
CA HIS B 243 7.16 23.47 -9.90
C HIS B 243 6.37 24.11 -8.78
N GLU B 244 5.43 23.35 -8.21
CA GLU B 244 4.65 23.79 -7.07
C GLU B 244 4.53 22.74 -5.98
N SER B 245 5.21 21.60 -6.11
CA SER B 245 5.18 20.57 -5.09
C SER B 245 6.53 19.86 -5.09
N ASP B 246 6.59 18.71 -4.42
CA ASP B 246 7.87 18.04 -4.20
C ASP B 246 8.35 17.34 -5.46
N ILE B 247 9.65 17.41 -5.71
CA ILE B 247 10.28 16.69 -6.81
C ILE B 247 10.48 15.24 -6.39
N ASN B 248 10.23 14.30 -7.30
CA ASN B 248 10.29 12.88 -6.96
C ASN B 248 11.32 12.11 -7.77
N ALA B 249 11.35 12.28 -9.08
CA ALA B 249 12.28 11.55 -9.94
C ALA B 249 12.83 12.49 -11.01
N ILE B 250 14.01 12.16 -11.52
CA ILE B 250 14.72 13.01 -12.46
C ILE B 250 15.60 12.16 -13.37
N CYS B 251 15.89 12.68 -14.57
CA CYS B 251 16.75 11.98 -15.53
C CYS B 251 17.20 12.92 -16.64
N PHE B 252 18.46 12.79 -17.05
CA PHE B 252 18.99 13.56 -18.17
C PHE B 252 18.38 13.17 -19.51
N PHE B 253 18.29 14.16 -20.38
CA PHE B 253 18.11 13.90 -21.80
C PHE B 253 19.38 13.24 -22.34
N PRO B 254 19.25 12.27 -23.26
CA PRO B 254 20.44 11.50 -23.67
C PRO B 254 21.53 12.33 -24.34
N ASN B 255 21.19 13.51 -24.87
CA ASN B 255 22.21 14.38 -25.42
C ASN B 255 23.12 14.92 -24.32
N GLY B 256 22.57 15.15 -23.14
CA GLY B 256 23.30 15.79 -22.06
C GLY B 256 23.10 17.28 -21.94
N ASN B 257 22.09 17.84 -22.61
CA ASN B 257 21.85 19.28 -22.61
C ASN B 257 20.42 19.63 -22.18
N ALA B 258 19.72 18.70 -21.54
CA ALA B 258 18.37 18.94 -21.05
C ALA B 258 18.02 17.83 -20.07
N PHE B 259 16.96 18.04 -19.30
CA PHE B 259 16.49 16.97 -18.42
C PHE B 259 15.02 17.18 -18.06
N ALA B 260 14.37 16.08 -17.73
CA ALA B 260 12.94 16.05 -17.41
C ALA B 260 12.75 15.76 -15.93
N THR B 261 11.72 16.38 -15.35
CA THR B 261 11.54 16.34 -13.90
C THR B 261 10.06 16.15 -13.57
N GLY B 262 9.80 15.40 -12.51
CA GLY B 262 8.44 15.08 -12.12
C GLY B 262 8.16 15.38 -10.67
N SER B 263 6.94 15.80 -10.39
CA SER B 263 6.56 16.26 -9.06
C SER B 263 5.23 15.67 -8.61
N ASP B 264 4.70 16.18 -7.49
CA ASP B 264 3.42 15.73 -6.96
C ASP B 264 2.30 16.71 -7.25
N ASP B 265 2.36 17.42 -8.39
CA ASP B 265 1.28 18.29 -8.83
C ASP B 265 0.71 17.86 -10.17
N ALA B 266 0.88 16.59 -10.54
CA ALA B 266 0.30 16.02 -11.75
C ALA B 266 0.85 16.65 -13.02
N THR B 267 2.09 17.15 -12.97
CA THR B 267 2.73 17.75 -14.13
C THR B 267 4.17 17.26 -14.24
N CYS B 268 4.68 17.23 -15.47
CA CYS B 268 6.08 16.99 -15.75
C CYS B 268 6.66 18.20 -16.47
N ARG B 269 7.96 18.43 -16.31
CA ARG B 269 8.60 19.58 -16.92
C ARG B 269 9.87 19.18 -17.67
N LEU B 270 10.19 19.93 -18.73
CA LEU B 270 11.46 19.79 -19.44
C LEU B 270 12.28 21.05 -19.28
N PHE B 271 13.55 20.89 -18.88
CA PHE B 271 14.44 22.01 -18.62
C PHE B 271 15.67 21.90 -19.50
N ASP B 272 16.27 23.05 -19.82
CA ASP B 272 17.47 23.12 -20.64
C ASP B 272 18.59 23.84 -19.87
N LEU B 273 19.81 23.36 -20.08
CA LEU B 273 20.95 23.89 -19.35
C LEU B 273 21.52 25.14 -20.01
N ARG B 274 21.35 25.26 -21.34
CA ARG B 274 21.97 26.37 -22.05
C ARG B 274 21.21 27.67 -21.87
N ALA B 275 19.90 27.60 -21.61
CA ALA B 275 19.08 28.80 -21.55
C ALA B 275 18.49 29.08 -20.17
N ASP B 276 18.67 28.18 -19.20
CA ASP B 276 18.18 28.38 -17.83
C ASP B 276 16.68 28.62 -17.79
N GLN B 277 15.91 27.79 -18.47
CA GLN B 277 14.46 27.94 -18.51
C GLN B 277 13.82 26.57 -18.59
N GLU B 278 12.49 26.58 -18.63
CA GLU B 278 11.71 25.39 -18.91
C GLU B 278 11.10 25.54 -20.30
N LEU B 279 11.18 24.48 -21.11
CA LEU B 279 10.68 24.58 -22.46
C LEU B 279 9.23 24.13 -22.57
N MET B 280 8.86 23.08 -21.84
CA MET B 280 7.55 22.49 -22.02
C MET B 280 7.06 21.87 -20.72
N THR B 281 5.74 21.89 -20.55
CA THR B 281 5.05 21.27 -19.43
C THR B 281 4.06 20.23 -19.95
N TYR B 282 3.94 19.11 -19.23
CA TYR B 282 3.05 18.03 -19.59
C TYR B 282 2.04 17.83 -18.46
N SER B 283 0.75 17.99 -18.78
CA SER B 283 -0.31 17.87 -17.79
C SER B 283 -1.65 17.83 -18.50
N HIS B 284 -2.56 17.00 -17.99
CA HIS B 284 -3.90 16.85 -18.52
C HIS B 284 -4.89 16.87 -17.36
N ASP B 285 -6.12 17.32 -17.63
CA ASP B 285 -7.07 17.60 -16.57
C ASP B 285 -7.43 16.36 -15.76
N ASN B 286 -7.60 15.23 -16.43
CA ASN B 286 -7.96 14.00 -15.73
C ASN B 286 -6.79 13.42 -14.95
N ILE B 287 -5.69 14.15 -14.83
CA ILE B 287 -4.55 13.71 -14.03
C ILE B 287 -4.53 14.55 -12.74
N ILE B 288 -4.78 13.89 -11.60
CA ILE B 288 -4.78 14.57 -10.31
C ILE B 288 -3.91 13.86 -9.28
N CYS B 289 -3.26 12.76 -9.64
CA CYS B 289 -2.37 12.06 -8.72
C CYS B 289 -0.97 12.65 -8.82
N GLY B 290 0.00 11.98 -8.20
CA GLY B 290 1.39 12.36 -8.31
C GLY B 290 2.10 11.59 -9.39
N ILE B 291 3.41 11.86 -9.51
CA ILE B 291 4.26 11.22 -10.48
C ILE B 291 5.47 10.64 -9.77
N THR B 292 5.70 9.34 -9.92
CA THR B 292 6.70 8.64 -9.13
C THR B 292 7.98 8.32 -9.88
N SER B 293 7.94 8.22 -11.21
CA SER B 293 9.16 7.93 -11.97
C SER B 293 9.09 8.58 -13.34
N VAL B 294 10.26 8.80 -13.93
CA VAL B 294 10.41 9.32 -15.27
C VAL B 294 11.60 8.64 -15.94
N SER B 295 11.55 8.55 -17.26
CA SER B 295 12.65 8.00 -18.04
C SER B 295 12.50 8.43 -19.50
N PHE B 296 13.64 8.56 -20.18
CA PHE B 296 13.70 8.85 -21.59
C PHE B 296 14.02 7.59 -22.38
N SER B 297 13.57 7.55 -23.63
CA SER B 297 13.97 6.51 -24.57
C SER B 297 15.31 6.88 -25.20
N LYS B 298 15.69 6.13 -26.24
CA LYS B 298 17.02 6.31 -26.79
C LYS B 298 17.14 7.59 -27.60
N SER B 299 16.13 7.90 -28.41
CA SER B 299 16.23 9.01 -29.35
C SER B 299 15.69 10.32 -28.80
N GLY B 300 15.07 10.31 -27.61
CA GLY B 300 14.54 11.52 -27.04
C GLY B 300 13.18 11.96 -27.57
N ARG B 301 12.46 11.08 -28.26
CA ARG B 301 11.14 11.44 -28.76
C ARG B 301 10.03 11.12 -27.77
N LEU B 302 10.23 10.12 -26.91
CA LEU B 302 9.21 9.68 -25.98
C LEU B 302 9.63 9.93 -24.55
N LEU B 303 8.65 10.20 -23.69
CA LEU B 303 8.89 10.46 -22.28
C LEU B 303 7.93 9.60 -21.47
N LEU B 304 8.47 8.66 -20.70
CA LEU B 304 7.65 7.77 -19.91
C LEU B 304 7.41 8.38 -18.53
N ALA B 305 6.25 8.08 -17.95
CA ALA B 305 5.93 8.61 -16.64
C ALA B 305 5.05 7.62 -15.89
N GLY B 306 5.45 7.32 -14.66
CA GLY B 306 4.70 6.42 -13.78
C GLY B 306 3.91 7.22 -12.76
N TYR B 307 2.70 6.77 -12.48
CA TYR B 307 1.72 7.56 -11.75
C TYR B 307 1.21 6.80 -10.54
N ASP B 308 0.55 7.52 -9.64
CA ASP B 308 -0.09 6.96 -8.45
C ASP B 308 -1.53 6.55 -8.70
N ASP B 309 -2.07 6.80 -9.90
CA ASP B 309 -3.37 6.25 -10.30
C ASP B 309 -3.25 4.86 -10.90
N PHE B 310 -2.20 4.13 -10.57
CA PHE B 310 -2.03 2.73 -10.98
C PHE B 310 -1.83 2.60 -12.48
N ASN B 311 -1.13 3.54 -13.10
CA ASN B 311 -1.08 3.62 -14.55
C ASN B 311 0.27 4.16 -15.00
N CYS B 312 0.63 3.87 -16.25
CA CYS B 312 1.83 4.42 -16.87
C CYS B 312 1.46 5.14 -18.15
N ASN B 313 2.07 6.30 -18.39
CA ASN B 313 1.77 7.10 -19.57
C ASN B 313 3.01 7.34 -20.40
N VAL B 314 2.82 7.46 -21.71
CA VAL B 314 3.89 7.80 -22.65
C VAL B 314 3.51 9.11 -23.34
N TRP B 315 4.36 10.11 -23.21
CA TRP B 315 4.15 11.42 -23.80
C TRP B 315 5.10 11.60 -24.97
N ASP B 316 4.68 12.44 -25.92
CA ASP B 316 5.53 12.90 -27.01
C ASP B 316 6.32 14.10 -26.50
N ALA B 317 7.64 14.03 -26.60
CA ALA B 317 8.49 15.02 -25.97
C ALA B 317 8.52 16.34 -26.72
N LEU B 318 8.01 16.37 -27.95
CA LEU B 318 8.09 17.56 -28.78
C LEU B 318 6.73 18.20 -29.06
N LYS B 319 5.64 17.53 -28.70
CA LYS B 319 4.29 18.07 -28.88
C LYS B 319 3.42 18.00 -27.63
N ALA B 320 3.80 17.21 -26.63
CA ALA B 320 3.09 17.10 -25.35
C ALA B 320 1.68 16.56 -25.55
N ASP B 321 1.60 15.42 -26.23
CA ASP B 321 0.33 14.74 -26.50
C ASP B 321 0.40 13.31 -26.01
N ARG B 322 -0.71 12.82 -25.48
CA ARG B 322 -0.75 11.51 -24.84
C ARG B 322 -0.57 10.44 -25.90
N ALA B 323 0.64 9.90 -26.00
CA ALA B 323 0.98 8.98 -27.07
C ALA B 323 0.60 7.53 -26.78
N GLY B 324 0.28 7.21 -25.54
CA GLY B 324 -0.11 5.85 -25.23
C GLY B 324 -0.20 5.63 -23.73
N VAL B 325 -0.93 4.57 -23.38
CA VAL B 325 -1.19 4.20 -22.00
C VAL B 325 -0.78 2.75 -21.81
N LEU B 326 -0.11 2.47 -20.70
CA LEU B 326 0.19 1.11 -20.27
C LEU B 326 -0.50 0.92 -18.94
N ALA B 327 -1.47 0.02 -18.90
CA ALA B 327 -2.32 -0.19 -17.73
C ALA B 327 -2.42 -1.68 -17.43
N GLY B 328 -1.57 -2.15 -16.53
CA GLY B 328 -1.58 -3.55 -16.15
C GLY B 328 -1.29 -3.82 -14.70
N HIS B 329 -1.12 -2.77 -13.91
CA HIS B 329 -0.72 -2.91 -12.52
C HIS B 329 -1.92 -2.65 -11.61
N ASP B 330 -1.85 -3.20 -10.40
CA ASP B 330 -2.97 -3.15 -9.47
C ASP B 330 -2.64 -2.39 -8.19
N ASN B 331 -1.66 -1.49 -8.23
CA ASN B 331 -1.27 -0.69 -7.08
C ASN B 331 -0.38 0.44 -7.56
N ARG B 332 0.21 1.16 -6.61
CA ARG B 332 1.04 2.32 -6.92
C ARG B 332 2.29 1.91 -7.69
N VAL B 333 2.63 2.69 -8.71
CA VAL B 333 3.82 2.45 -9.52
C VAL B 333 4.98 3.23 -8.91
N SER B 334 6.08 2.54 -8.61
CA SER B 334 7.19 3.12 -7.88
C SER B 334 8.45 3.30 -8.72
N CYS B 335 8.86 2.27 -9.45
CA CYS B 335 10.13 2.28 -10.16
C CYS B 335 9.93 1.95 -11.62
N LEU B 336 10.71 2.61 -12.47
CA LEU B 336 10.59 2.48 -13.91
C LEU B 336 11.99 2.56 -14.52
N GLY B 337 12.23 1.78 -15.56
CA GLY B 337 13.55 1.79 -16.19
C GLY B 337 13.51 1.41 -17.65
N VAL B 338 14.50 1.92 -18.40
CA VAL B 338 14.65 1.63 -19.82
C VAL B 338 16.08 1.19 -20.07
N THR B 339 16.24 0.14 -20.87
CA THR B 339 17.56 -0.42 -21.15
C THR B 339 18.42 0.56 -21.95
N ASP B 340 19.72 0.28 -21.97
CA ASP B 340 20.65 1.19 -22.64
C ASP B 340 20.55 1.09 -24.15
N ASP B 341 20.21 -0.09 -24.67
CA ASP B 341 20.04 -0.26 -26.11
C ASP B 341 18.64 0.08 -26.59
N GLY B 342 17.74 0.46 -25.69
CA GLY B 342 16.40 0.85 -26.08
C GLY B 342 15.48 -0.30 -26.46
N MET B 343 15.68 -1.47 -25.86
CA MET B 343 14.85 -2.62 -26.19
C MET B 343 13.52 -2.59 -25.46
N ALA B 344 13.55 -2.66 -24.14
CA ALA B 344 12.34 -2.88 -23.35
C ALA B 344 12.26 -1.85 -22.23
N VAL B 345 11.09 -1.86 -21.56
CA VAL B 345 10.83 -1.04 -20.39
C VAL B 345 10.46 -1.97 -19.25
N ALA B 346 10.87 -1.62 -18.04
CA ALA B 346 10.57 -2.42 -16.86
C ALA B 346 9.88 -1.57 -15.81
N THR B 347 8.79 -2.10 -15.26
CA THR B 347 7.96 -1.39 -14.30
C THR B 347 7.79 -2.21 -13.02
N GLY B 348 7.90 -1.56 -11.87
CA GLY B 348 7.59 -2.19 -10.60
C GLY B 348 6.45 -1.53 -9.88
N SER B 349 5.80 -2.24 -8.96
CA SER B 349 4.68 -1.67 -8.22
C SER B 349 4.66 -2.25 -6.81
N TRP B 350 3.70 -1.81 -6.02
CA TRP B 350 3.56 -2.21 -4.63
C TRP B 350 2.81 -3.51 -4.46
N ASP B 351 2.53 -4.23 -5.54
CA ASP B 351 1.94 -5.56 -5.48
C ASP B 351 2.99 -6.66 -5.52
N SER B 352 4.28 -6.31 -5.44
CA SER B 352 5.39 -7.26 -5.41
C SER B 352 5.60 -7.95 -6.76
N PHE B 353 5.48 -7.19 -7.86
CA PHE B 353 5.69 -7.70 -9.20
C PHE B 353 6.54 -6.73 -10.00
N LEU B 354 7.22 -7.27 -11.02
CA LEU B 354 7.92 -6.49 -12.02
C LEU B 354 7.48 -6.98 -13.39
N LYS B 355 7.18 -6.06 -14.28
CA LYS B 355 6.74 -6.40 -15.64
C LYS B 355 7.73 -5.83 -16.64
N ILE B 356 7.93 -6.57 -17.73
CA ILE B 356 8.80 -6.16 -18.82
C ILE B 356 7.92 -5.94 -20.04
N TRP B 357 7.72 -4.68 -20.39
CA TRP B 357 6.92 -4.29 -21.54
C TRP B 357 7.81 -4.21 -22.78
N ASN B 358 7.22 -3.75 -23.88
CA ASN B 358 7.94 -3.64 -25.14
C ASN B 358 7.10 -2.86 -26.15
N SER C 4 22.06 31.77 11.55
CA SER C 4 21.41 33.03 11.88
C SER C 4 21.63 34.07 10.79
N ILE C 5 22.89 34.47 10.62
CA ILE C 5 23.25 35.42 9.58
C ILE C 5 24.24 34.84 8.59
N ALA C 6 24.88 33.70 8.87
CA ALA C 6 25.79 33.09 7.90
C ALA C 6 25.03 32.61 6.68
N GLN C 7 23.77 32.18 6.87
CA GLN C 7 22.98 31.73 5.75
C GLN C 7 22.79 32.84 4.71
N ALA C 8 22.52 34.06 5.16
CA ALA C 8 22.26 35.15 4.23
C ALA C 8 23.50 35.48 3.39
N ARG C 9 24.67 35.55 4.05
CA ARG C 9 25.88 35.90 3.32
C ARG C 9 26.31 34.78 2.37
N LYS C 10 26.22 33.52 2.83
CA LYS C 10 26.54 32.41 1.94
C LYS C 10 25.59 32.38 0.75
N LEU C 11 24.30 32.62 0.99
CA LEU C 11 23.33 32.60 -0.10
C LEU C 11 23.56 33.72 -1.09
N VAL C 12 23.89 34.93 -0.60
CA VAL C 12 24.12 36.02 -1.54
C VAL C 12 25.39 35.79 -2.34
N GLU C 13 26.41 35.19 -1.73
CA GLU C 13 27.61 34.85 -2.49
C GLU C 13 27.30 33.82 -3.56
N GLN C 14 26.48 32.81 -3.23
CA GLN C 14 26.14 31.78 -4.22
C GLN C 14 25.30 32.36 -5.35
N LEU C 15 24.37 33.26 -5.04
CA LEU C 15 23.59 33.90 -6.10
C LEU C 15 24.48 34.78 -6.98
N LYS C 16 25.44 35.49 -6.38
CA LYS C 16 26.40 36.25 -7.18
C LYS C 16 27.15 35.33 -8.13
N MET C 17 27.63 34.19 -7.64
CA MET C 17 28.38 33.27 -8.48
C MET C 17 27.49 32.66 -9.55
N GLU C 18 26.19 32.54 -9.29
CA GLU C 18 25.27 31.93 -10.23
C GLU C 18 24.64 32.93 -11.19
N ALA C 19 24.82 34.23 -10.97
CA ALA C 19 24.06 35.22 -11.74
C ALA C 19 24.75 35.59 -13.04
N ASN C 20 26.08 35.56 -13.09
CA ASN C 20 26.81 36.05 -14.25
C ASN C 20 27.31 34.86 -15.08
N ILE C 21 26.41 34.33 -15.92
CA ILE C 21 26.74 33.32 -16.90
C ILE C 21 26.04 33.67 -18.21
N ASP C 22 26.54 33.11 -19.29
CA ASP C 22 25.99 33.35 -20.62
C ASP C 22 24.83 32.41 -20.90
N ARG C 23 23.90 32.88 -21.71
CA ARG C 23 22.68 32.15 -22.02
C ARG C 23 22.36 32.28 -23.49
N ILE C 24 22.25 31.15 -24.19
CA ILE C 24 21.86 31.19 -25.59
C ILE C 24 20.35 31.40 -25.71
N LYS C 25 19.92 31.70 -26.92
CA LYS C 25 18.49 31.88 -27.17
C LYS C 25 17.80 30.53 -27.25
N VAL C 26 16.54 30.50 -26.81
CA VAL C 26 15.82 29.23 -26.69
C VAL C 26 15.57 28.60 -28.05
N SER C 27 15.50 29.41 -29.11
CA SER C 27 15.27 28.87 -30.45
C SER C 27 16.38 27.92 -30.87
N LYS C 28 17.63 28.30 -30.61
CA LYS C 28 18.75 27.44 -30.98
C LYS C 28 18.72 26.13 -30.22
N ALA C 29 18.39 26.17 -28.93
CA ALA C 29 18.28 24.94 -28.15
C ALA C 29 17.20 24.03 -28.69
N ALA C 30 16.04 24.61 -29.04
CA ALA C 30 14.97 23.82 -29.63
C ALA C 30 15.41 23.21 -30.96
N ALA C 31 16.15 23.97 -31.76
CA ALA C 31 16.64 23.45 -33.04
C ALA C 31 17.59 22.29 -32.82
N ASP C 32 18.49 22.40 -31.83
CA ASP C 32 19.39 21.29 -31.53
C ASP C 32 18.62 20.05 -31.09
N LEU C 33 17.60 20.24 -30.26
CA LEU C 33 16.79 19.10 -29.83
C LEU C 33 16.12 18.42 -31.01
N MET C 34 15.52 19.23 -31.91
CA MET C 34 14.90 18.67 -33.10
C MET C 34 15.91 17.92 -33.97
N ALA C 35 17.10 18.49 -34.16
CA ALA C 35 18.09 17.85 -34.99
C ALA C 35 18.52 16.51 -34.41
N TYR C 36 18.75 16.45 -33.10
CA TYR C 36 19.13 15.18 -32.49
C TYR C 36 18.01 14.16 -32.61
N CYS C 37 16.76 14.59 -32.45
CA CYS C 37 15.66 13.64 -32.56
C CYS C 37 15.46 13.17 -34.00
N GLU C 38 15.79 14.01 -34.97
CA GLU C 38 15.65 13.62 -36.38
C GLU C 38 16.77 12.68 -36.82
N ALA C 39 17.98 12.89 -36.28
CA ALA C 39 19.11 12.07 -36.71
C ALA C 39 19.00 10.64 -36.22
N HIS C 40 18.58 10.44 -34.96
CA HIS C 40 18.59 9.14 -34.33
C HIS C 40 17.22 8.45 -34.35
N ALA C 41 16.37 8.81 -35.31
CA ALA C 41 15.04 8.21 -35.40
C ALA C 41 15.08 6.76 -35.87
N LYS C 42 16.19 6.29 -36.43
CA LYS C 42 16.30 4.94 -36.95
C LYS C 42 16.87 3.96 -35.95
N GLU C 43 17.19 4.41 -34.74
CA GLU C 43 17.75 3.55 -33.71
C GLU C 43 16.81 3.31 -32.54
N ASP C 44 15.56 3.73 -32.65
CA ASP C 44 14.63 3.63 -31.53
C ASP C 44 13.65 2.51 -31.79
N PRO C 45 13.73 1.39 -31.09
CA PRO C 45 12.80 0.29 -31.32
C PRO C 45 11.42 0.52 -30.75
N LEU C 46 11.10 1.75 -30.35
CA LEU C 46 9.78 2.06 -29.82
C LEU C 46 8.95 2.94 -30.75
N LEU C 47 9.53 3.95 -31.39
CA LEU C 47 8.82 4.68 -32.41
C LEU C 47 8.61 3.82 -33.65
N THR C 48 9.66 3.14 -34.10
CA THR C 48 9.61 2.29 -35.27
C THR C 48 9.80 0.84 -34.84
N PRO C 49 8.76 0.03 -34.83
CA PRO C 49 8.88 -1.34 -34.33
C PRO C 49 9.82 -2.16 -35.20
N VAL C 50 10.26 -3.28 -34.64
CA VAL C 50 11.21 -4.17 -35.30
C VAL C 50 10.55 -5.53 -35.46
N PRO C 51 10.95 -6.34 -36.45
CA PRO C 51 10.31 -7.65 -36.64
C PRO C 51 10.57 -8.60 -35.49
N ALA C 52 10.01 -9.81 -35.57
CA ALA C 52 10.24 -10.81 -34.54
C ALA C 52 11.68 -11.30 -34.53
N SER C 53 12.47 -10.95 -35.54
CA SER C 53 13.87 -11.37 -35.56
C SER C 53 14.70 -10.57 -34.57
N GLU C 54 14.46 -9.26 -34.48
CA GLU C 54 15.27 -8.41 -33.61
C GLU C 54 14.98 -8.67 -32.15
N ASN C 55 13.71 -8.76 -31.78
CA ASN C 55 13.32 -8.77 -30.37
C ASN C 55 13.78 -10.03 -29.66
N PRO C 56 14.58 -9.93 -28.60
CA PRO C 56 14.79 -11.09 -27.73
C PRO C 56 13.60 -11.39 -26.85
N PHE C 57 12.65 -10.46 -26.76
CA PHE C 57 11.44 -10.62 -25.96
C PHE C 57 10.27 -10.97 -26.89
N ARG C 58 10.12 -12.26 -27.13
CA ARG C 58 9.04 -12.74 -27.98
C ARG C 58 7.82 -13.07 -27.13
N GLN D 1 7.89 30.88 -8.86
CA GLN D 1 8.45 30.56 -7.56
C GLN D 1 7.40 30.76 -6.47
N VAL D 2 7.45 29.89 -5.45
CA VAL D 2 6.47 29.92 -4.38
C VAL D 2 6.84 31.02 -3.40
N GLN D 3 6.22 32.20 -3.53
CA GLN D 3 6.53 33.32 -2.66
C GLN D 3 5.28 33.75 -1.91
N LEU D 4 5.43 33.91 -0.59
CA LEU D 4 4.35 34.25 0.32
C LEU D 4 4.75 35.48 1.11
N GLN D 5 3.97 36.56 0.99
CA GLN D 5 4.26 37.82 1.66
C GLN D 5 3.17 38.12 2.69
N GLU D 6 3.57 38.65 3.84
CA GLU D 6 2.65 38.95 4.92
C GLU D 6 2.65 40.46 5.16
N SER D 7 1.46 41.01 5.41
CA SER D 7 1.28 42.44 5.58
C SER D 7 0.41 42.71 6.80
N GLY D 8 0.62 43.87 7.41
CA GLY D 8 0.01 44.21 8.68
C GLY D 8 0.86 43.76 9.85
N GLY D 9 0.61 44.36 11.00
CA GLY D 9 1.32 44.00 12.21
C GLY D 9 1.81 45.23 12.93
N GLY D 10 2.55 45.01 14.01
CA GLY D 10 3.11 46.09 14.79
C GLY D 10 2.67 46.04 16.24
N LEU D 11 2.75 47.20 16.87
CA LEU D 11 2.33 47.34 18.27
C LEU D 11 0.85 47.69 18.33
N VAL D 12 0.14 47.04 19.24
CA VAL D 12 -1.29 47.29 19.42
C VAL D 12 -1.59 47.33 20.91
N GLN D 13 -2.43 48.28 21.32
CA GLN D 13 -2.79 48.42 22.71
C GLN D 13 -3.61 47.22 23.18
N PRO D 14 -3.48 46.83 24.45
CA PRO D 14 -4.22 45.66 24.94
C PRO D 14 -5.72 45.89 24.86
N GLY D 15 -6.44 44.84 24.51
CA GLY D 15 -7.87 44.95 24.29
C GLY D 15 -8.24 45.56 22.95
N GLY D 16 -7.33 45.58 21.98
CA GLY D 16 -7.56 46.23 20.72
C GLY D 16 -7.96 45.27 19.61
N SER D 17 -7.74 45.72 18.37
CA SER D 17 -8.07 44.95 17.18
C SER D 17 -6.96 45.11 16.16
N LEU D 18 -6.87 44.14 15.25
CA LEU D 18 -5.83 44.17 14.22
C LEU D 18 -6.28 43.32 13.03
N ARG D 19 -5.71 43.59 11.87
CA ARG D 19 -5.97 42.83 10.65
C ARG D 19 -4.66 42.45 10.01
N LEU D 20 -4.57 41.23 9.50
CA LEU D 20 -3.35 40.68 8.93
C LEU D 20 -3.67 40.04 7.58
N SER D 21 -2.78 40.22 6.61
CA SER D 21 -3.00 39.76 5.25
C SER D 21 -1.83 38.90 4.78
N CYS D 22 -2.13 37.92 3.91
CA CYS D 22 -1.14 37.05 3.31
C CYS D 22 -1.42 36.96 1.82
N ALA D 23 -0.50 37.46 1.01
CA ALA D 23 -0.59 37.40 -0.44
C ALA D 23 0.40 36.38 -0.96
N ALA D 24 -0.06 35.48 -1.81
CA ALA D 24 0.76 34.39 -2.31
C ALA D 24 0.80 34.40 -3.83
N SER D 25 1.94 34.00 -4.38
CA SER D 25 2.07 33.91 -5.82
C SER D 25 3.06 32.81 -6.17
N GLY D 26 2.80 32.15 -7.30
CA GLY D 26 3.59 31.02 -7.75
C GLY D 26 2.84 29.71 -7.84
N PHE D 27 1.56 29.67 -7.47
CA PHE D 27 0.80 28.44 -7.51
C PHE D 27 -0.68 28.76 -7.56
N THR D 28 -1.47 27.73 -7.85
CA THR D 28 -2.92 27.90 -7.92
C THR D 28 -3.48 27.96 -6.51
N PHE D 29 -3.90 29.16 -6.08
CA PHE D 29 -4.34 29.38 -4.72
C PHE D 29 -5.57 28.57 -4.35
N SER D 30 -6.37 28.16 -5.33
CA SER D 30 -7.67 27.55 -5.07
C SER D 30 -7.60 26.03 -4.98
N ASN D 31 -6.43 25.42 -5.11
CA ASN D 31 -6.28 23.98 -4.97
C ASN D 31 -5.59 23.59 -3.68
N TYR D 32 -5.31 24.54 -2.80
CA TYR D 32 -4.52 24.29 -1.60
C TYR D 32 -5.26 24.78 -0.37
N LYS D 33 -5.00 24.09 0.74
CA LYS D 33 -5.55 24.43 2.05
C LYS D 33 -4.50 25.21 2.82
N MET D 34 -4.93 26.19 3.61
CA MET D 34 -4.00 27.15 4.18
C MET D 34 -4.17 27.25 5.69
N ASN D 35 -3.14 27.73 6.37
CA ASN D 35 -3.23 27.86 7.81
C ASN D 35 -2.24 28.91 8.32
N TRP D 36 -2.40 29.26 9.59
CA TRP D 36 -1.52 30.20 10.28
C TRP D 36 -0.78 29.48 11.39
N VAL D 37 0.44 29.92 11.67
CA VAL D 37 1.20 29.44 12.82
C VAL D 37 1.85 30.63 13.51
N ARG D 38 2.24 30.44 14.76
CA ARG D 38 2.91 31.48 15.52
C ARG D 38 4.11 30.89 16.24
N GLN D 39 5.03 31.77 16.62
CA GLN D 39 6.29 31.39 17.26
C GLN D 39 6.66 32.47 18.25
N ALA D 40 6.72 32.12 19.52
CA ALA D 40 6.92 33.06 20.61
C ALA D 40 8.37 33.07 21.07
N PRO D 41 8.82 34.15 21.70
CA PRO D 41 10.22 34.20 22.19
C PRO D 41 10.43 33.21 23.33
N GLY D 42 11.43 32.35 23.18
CA GLY D 42 11.71 31.32 24.15
C GLY D 42 10.88 30.06 24.01
N LYS D 43 9.99 30.00 23.02
CA LYS D 43 9.12 28.84 22.82
C LYS D 43 9.16 28.44 21.36
N GLY D 44 8.66 27.24 21.10
CA GLY D 44 8.64 26.69 19.76
C GLY D 44 7.44 27.14 18.96
N LEU D 45 7.20 26.44 17.85
CA LEU D 45 6.11 26.79 16.96
C LEU D 45 4.80 26.19 17.47
N GLU D 46 3.70 26.88 17.18
CA GLU D 46 2.39 26.53 17.71
C GLU D 46 1.31 26.83 16.67
N TRP D 47 0.27 26.00 16.64
CA TRP D 47 -0.78 26.10 15.65
C TRP D 47 -1.86 27.08 16.07
N VAL D 48 -2.50 27.71 15.08
CA VAL D 48 -3.53 28.70 15.37
C VAL D 48 -4.87 28.37 14.70
N SER D 49 -4.91 28.33 13.37
CA SER D 49 -6.18 28.16 12.65
C SER D 49 -5.89 27.82 11.20
N ASP D 50 -6.95 27.46 10.47
CA ASP D 50 -6.81 27.01 9.10
C ASP D 50 -8.11 27.22 8.33
N ILE D 51 -8.01 27.09 7.00
CA ILE D 51 -9.14 27.17 6.07
C ILE D 51 -8.92 26.17 4.96
N SER D 52 -10.00 25.49 4.57
CA SER D 52 -9.99 24.53 3.48
C SER D 52 -10.10 25.24 2.13
N GLN D 53 -10.29 24.43 1.07
CA GLN D 53 -10.28 24.98 -0.28
C GLN D 53 -11.45 25.93 -0.51
N SER D 54 -12.68 25.47 -0.22
CA SER D 54 -13.84 26.27 -0.55
C SER D 54 -14.08 27.38 0.48
N GLY D 55 -13.73 27.12 1.73
CA GLY D 55 -14.04 28.03 2.81
C GLY D 55 -15.08 27.52 3.78
N ALA D 56 -15.46 26.25 3.68
CA ALA D 56 -16.50 25.71 4.55
C ALA D 56 -15.92 25.22 5.87
N SER D 57 -14.89 24.38 5.83
CA SER D 57 -14.33 23.77 7.04
C SER D 57 -13.36 24.76 7.66
N ILE D 58 -13.77 25.35 8.79
CA ILE D 58 -12.95 26.29 9.55
C ILE D 58 -12.72 25.69 10.93
N SER D 59 -11.47 25.74 11.38
CA SER D 59 -11.13 25.21 12.70
C SER D 59 -10.34 26.27 13.46
N TYR D 60 -10.15 26.02 14.76
CA TYR D 60 -9.42 26.93 15.62
C TYR D 60 -8.72 26.11 16.69
N THR D 61 -7.85 26.76 17.45
CA THR D 61 -7.07 26.03 18.45
C THR D 61 -7.84 25.85 19.75
N GLY D 62 -8.53 26.89 20.21
CA GLY D 62 -9.25 26.80 21.47
C GLY D 62 -8.96 27.95 22.41
N SER D 63 -7.71 28.42 22.40
CA SER D 63 -7.32 29.57 23.20
C SER D 63 -7.62 30.89 22.52
N VAL D 64 -8.14 30.86 21.29
CA VAL D 64 -8.51 32.08 20.57
C VAL D 64 -9.92 31.91 20.03
N LYS D 65 -10.59 30.83 20.40
CA LYS D 65 -11.91 30.55 19.84
C LYS D 65 -12.90 31.65 20.20
N GLY D 66 -13.59 32.16 19.18
CA GLY D 66 -14.52 33.25 19.36
C GLY D 66 -13.93 34.63 19.31
N ARG D 67 -12.61 34.76 19.42
CA ARG D 67 -11.95 36.06 19.40
C ARG D 67 -11.33 36.43 18.06
N PHE D 68 -10.70 35.48 17.37
CA PHE D 68 -10.10 35.71 16.07
C PHE D 68 -10.92 35.06 14.97
N THR D 69 -10.83 35.60 13.77
CA THR D 69 -11.52 35.06 12.61
C THR D 69 -10.56 34.97 11.43
N ILE D 70 -10.84 34.06 10.51
CA ILE D 70 -9.99 33.81 9.35
C ILE D 70 -10.86 33.78 8.10
N SER D 71 -10.32 34.29 7.00
CA SER D 71 -11.09 34.45 5.77
C SER D 71 -10.19 34.24 4.56
N ARG D 72 -10.82 34.00 3.42
CA ARG D 72 -10.13 33.56 2.20
C ARG D 72 -10.74 34.24 0.99
N ASP D 73 -9.90 34.74 0.09
CA ASP D 73 -10.35 35.35 -1.15
C ASP D 73 -9.57 34.75 -2.31
N ASN D 74 -10.28 34.14 -3.24
CA ASN D 74 -9.67 33.41 -4.35
C ASN D 74 -9.47 34.27 -5.59
N ALA D 75 -10.37 35.21 -5.86
CA ALA D 75 -10.24 36.04 -7.05
C ALA D 75 -9.02 36.96 -6.95
N LYS D 76 -8.62 37.30 -5.73
CA LYS D 76 -7.45 38.14 -5.50
C LYS D 76 -6.27 37.39 -4.91
N ASN D 77 -6.46 36.10 -4.57
CA ASN D 77 -5.41 35.29 -3.97
C ASN D 77 -4.86 35.93 -2.70
N THR D 78 -5.73 36.10 -1.72
CA THR D 78 -5.33 36.74 -0.48
C THR D 78 -6.07 36.13 0.70
N LEU D 79 -5.34 35.88 1.77
CA LEU D 79 -5.91 35.25 2.96
C LEU D 79 -5.78 36.17 4.15
N TYR D 80 -6.86 36.30 4.92
CA TYR D 80 -7.00 37.33 5.93
C TYR D 80 -7.18 36.73 7.31
N LEU D 81 -6.67 37.43 8.32
CA LEU D 81 -6.87 37.07 9.72
C LEU D 81 -7.22 38.32 10.51
N GLN D 82 -8.38 38.31 11.15
CA GLN D 82 -8.84 39.42 11.99
C GLN D 82 -8.70 39.04 13.44
N MET D 83 -8.11 39.93 14.24
CA MET D 83 -7.77 39.66 15.63
C MET D 83 -8.46 40.67 16.52
N ASN D 84 -9.10 40.17 17.58
CA ASN D 84 -9.89 41.01 18.48
C ASN D 84 -9.54 40.72 19.93
N SER D 85 -9.57 41.77 20.75
CA SER D 85 -9.49 41.66 22.21
C SER D 85 -8.22 40.93 22.64
N LEU D 86 -7.08 41.58 22.39
CA LEU D 86 -5.79 40.95 22.62
C LEU D 86 -5.49 40.83 24.12
N LYS D 87 -4.30 40.33 24.42
CA LYS D 87 -3.87 40.07 25.78
C LYS D 87 -2.35 40.06 25.81
N PRO D 88 -1.74 40.22 26.99
CA PRO D 88 -0.28 40.19 27.06
C PRO D 88 0.34 38.87 26.63
N GLU D 89 -0.42 37.77 26.64
CA GLU D 89 0.15 36.48 26.26
C GLU D 89 0.27 36.34 24.75
N ASP D 90 -0.44 37.17 23.98
CA ASP D 90 -0.44 37.07 22.53
C ASP D 90 0.59 38.02 21.92
N THR D 91 1.86 37.68 22.14
CA THR D 91 2.97 38.37 21.50
C THR D 91 3.93 37.33 20.93
N ALA D 92 4.09 37.34 19.60
CA ALA D 92 4.86 36.33 18.89
C ALA D 92 4.90 36.74 17.42
N VAL D 93 5.67 35.98 16.65
CA VAL D 93 5.76 36.20 15.20
C VAL D 93 4.78 35.25 14.52
N TYR D 94 4.13 35.74 13.46
CA TYR D 94 3.06 35.02 12.78
C TYR D 94 3.48 34.66 11.35
N TYR D 95 3.12 33.44 10.94
CA TYR D 95 3.53 32.85 9.67
C TYR D 95 2.30 32.30 8.96
N CYS D 96 2.37 32.30 7.63
CA CYS D 96 1.27 31.90 6.75
C CYS D 96 1.72 30.68 5.96
N ALA D 97 1.26 29.49 6.35
CA ALA D 97 1.76 28.24 5.81
C ALA D 97 0.73 27.55 4.91
N ARG D 98 1.26 26.79 3.96
CA ARG D 98 0.47 26.06 2.97
C ARG D 98 0.80 24.58 3.06
N CYS D 99 -0.22 23.74 2.90
CA CYS D 99 0.00 22.31 3.00
C CYS D 99 0.71 21.80 1.75
N PRO D 100 1.54 20.76 1.88
CA PRO D 100 2.48 20.41 0.81
C PRO D 100 1.85 19.99 -0.50
N ALA D 101 0.60 19.55 -0.55
CA ALA D 101 0.10 18.96 -1.78
C ALA D 101 -1.30 19.45 -2.09
N PRO D 102 -1.69 19.44 -3.36
CA PRO D 102 -3.05 19.84 -3.73
C PRO D 102 -4.05 18.71 -3.52
N PHE D 103 -5.32 19.08 -3.45
CA PHE D 103 -6.44 18.14 -3.42
C PHE D 103 -6.30 17.12 -2.29
N THR D 104 -5.87 17.60 -1.12
CA THR D 104 -5.63 16.71 0.01
C THR D 104 -6.57 17.07 1.15
N ARG D 105 -6.56 16.22 2.18
CA ARG D 105 -7.38 16.40 3.37
C ARG D 105 -6.53 16.52 4.63
N ASP D 106 -5.21 16.49 4.49
CA ASP D 106 -4.31 16.54 5.64
C ASP D 106 -2.97 17.05 5.18
N CYS D 107 -2.21 17.65 6.10
CA CYS D 107 -0.83 18.04 5.83
C CYS D 107 -0.03 17.92 7.10
N PHE D 108 1.17 17.33 7.00
CA PHE D 108 1.92 16.93 8.18
C PHE D 108 2.70 18.08 8.81
N ASP D 109 3.67 18.63 8.08
CA ASP D 109 4.71 19.44 8.69
C ASP D 109 4.52 20.89 8.29
N VAL D 110 3.70 21.60 9.06
CA VAL D 110 3.60 23.05 8.95
C VAL D 110 4.06 23.74 10.22
N THR D 111 4.45 22.98 11.24
CA THR D 111 4.94 23.51 12.50
C THR D 111 6.33 22.97 12.83
N SER D 112 7.09 22.64 11.79
CA SER D 112 8.43 22.11 11.93
C SER D 112 9.44 23.10 11.38
N THR D 113 10.58 23.20 12.06
CA THR D 113 11.65 24.08 11.63
C THR D 113 12.20 23.62 10.29
N THR D 114 12.61 24.60 9.48
CA THR D 114 13.13 24.36 8.14
C THR D 114 12.09 23.65 7.28
N TYR D 115 10.95 24.30 7.12
CA TYR D 115 9.91 23.84 6.21
C TYR D 115 9.83 24.79 5.03
N ALA D 116 9.59 24.23 3.84
CA ALA D 116 9.79 24.98 2.61
C ALA D 116 8.80 26.12 2.46
N TYR D 117 7.50 25.81 2.45
CA TYR D 117 6.49 26.72 1.92
C TYR D 117 5.92 27.60 3.03
N ARG D 118 6.83 28.36 3.66
CA ARG D 118 6.47 29.22 4.78
C ARG D 118 7.09 30.60 4.56
N GLY D 119 6.34 31.64 4.91
CA GLY D 119 6.78 33.00 4.72
C GLY D 119 7.72 33.49 5.82
N GLN D 120 8.19 34.73 5.64
CA GLN D 120 9.09 35.33 6.62
C GLN D 120 8.36 35.70 7.91
N GLY D 121 7.11 36.14 7.82
CA GLY D 121 6.30 36.39 8.99
C GLY D 121 6.18 37.87 9.34
N THR D 122 5.26 38.15 10.26
CA THR D 122 5.07 39.49 10.79
C THR D 122 5.15 39.48 12.31
N GLN D 123 5.50 40.62 12.88
CA GLN D 123 5.66 40.78 14.31
C GLN D 123 4.49 41.58 14.88
N VAL D 124 3.76 40.97 15.80
CA VAL D 124 2.69 41.64 16.53
C VAL D 124 3.08 41.68 18.00
N THR D 125 2.85 42.83 18.64
CA THR D 125 3.20 43.03 20.04
C THR D 125 2.03 43.65 20.77
N VAL D 126 1.78 43.17 21.98
CA VAL D 126 0.71 43.65 22.84
C VAL D 126 1.32 44.00 24.19
N SER D 127 1.15 45.25 24.61
CA SER D 127 1.68 45.72 25.88
C SER D 127 0.90 46.93 26.37
N GLY E 27 -40.26 -34.87 -22.47
CA GLY E 27 -40.89 -33.68 -22.99
C GLY E 27 -40.11 -32.41 -22.69
N TRP E 28 -40.83 -31.32 -22.49
CA TRP E 28 -40.18 -30.05 -22.17
C TRP E 28 -39.49 -30.12 -20.81
N VAL E 29 -39.94 -31.04 -19.95
CA VAL E 29 -39.28 -31.23 -18.65
C VAL E 29 -37.82 -31.63 -18.85
N ALA E 30 -37.55 -32.43 -19.89
CA ALA E 30 -36.17 -32.80 -20.18
C ALA E 30 -35.34 -31.58 -20.55
N ALA E 31 -35.89 -30.66 -21.33
CA ALA E 31 -35.15 -29.44 -21.67
C ALA E 31 -34.93 -28.59 -20.44
N ALA E 32 -35.94 -28.46 -19.59
CA ALA E 32 -35.77 -27.69 -18.36
C ALA E 32 -34.74 -28.31 -17.44
N LEU E 33 -34.59 -29.63 -17.51
CA LEU E 33 -33.57 -30.30 -16.71
C LEU E 33 -32.18 -30.10 -17.31
N CYS E 34 -32.08 -30.10 -18.65
CA CYS E 34 -30.77 -30.01 -19.30
C CYS E 34 -30.21 -28.59 -19.23
N VAL E 35 -31.09 -27.59 -19.27
CA VAL E 35 -30.63 -26.21 -19.13
C VAL E 35 -30.03 -25.97 -17.74
N VAL E 36 -30.31 -26.87 -16.80
CA VAL E 36 -29.67 -26.84 -15.49
C VAL E 36 -28.27 -27.43 -15.53
N ILE E 37 -28.11 -28.61 -16.16
CA ILE E 37 -26.81 -29.26 -16.17
C ILE E 37 -25.80 -28.44 -16.98
N ALA E 38 -26.24 -27.82 -18.07
CA ALA E 38 -25.33 -26.96 -18.82
C ALA E 38 -24.81 -25.81 -17.96
N LEU E 39 -25.73 -25.16 -17.23
CA LEU E 39 -25.34 -24.06 -16.36
C LEU E 39 -24.39 -24.52 -15.26
N THR E 40 -24.66 -25.69 -14.68
CA THR E 40 -23.78 -26.20 -13.63
C THR E 40 -22.37 -26.41 -14.16
N ALA E 41 -22.25 -27.08 -15.30
CA ALA E 41 -20.93 -27.32 -15.86
C ALA E 41 -20.20 -26.01 -16.13
N ALA E 42 -20.89 -25.07 -16.79
CA ALA E 42 -20.25 -23.80 -17.13
C ALA E 42 -19.80 -23.05 -15.88
N ALA E 43 -20.68 -22.95 -14.89
CA ALA E 43 -20.37 -22.18 -13.68
C ALA E 43 -19.20 -22.80 -12.93
N ASN E 44 -19.25 -24.12 -12.68
CA ASN E 44 -18.19 -24.76 -11.92
C ASN E 44 -16.85 -24.65 -12.63
N SER E 45 -16.81 -24.90 -13.94
CA SER E 45 -15.56 -24.84 -14.67
C SER E 45 -15.00 -23.42 -14.67
N LEU E 46 -15.84 -22.43 -14.97
CA LEU E 46 -15.37 -21.05 -15.01
C LEU E 46 -14.86 -20.62 -13.64
N LEU E 47 -15.52 -21.04 -12.57
CA LEU E 47 -15.16 -20.57 -11.25
C LEU E 47 -13.87 -21.24 -10.75
N ILE E 48 -13.69 -22.53 -11.03
CA ILE E 48 -12.42 -23.15 -10.67
C ILE E 48 -11.28 -22.55 -11.47
N ALA E 49 -11.53 -22.23 -12.75
CA ALA E 49 -10.50 -21.57 -13.54
C ALA E 49 -10.14 -20.21 -12.96
N LEU E 50 -11.15 -19.42 -12.57
CA LEU E 50 -10.89 -18.11 -11.99
C LEU E 50 -10.12 -18.23 -10.68
N ILE E 51 -10.48 -19.22 -9.85
CA ILE E 51 -9.74 -19.42 -8.59
C ILE E 51 -8.28 -19.76 -8.87
N CYS E 52 -8.03 -20.61 -9.87
CA CYS E 52 -6.68 -21.02 -10.17
C CYS E 52 -5.90 -20.00 -11.00
N THR E 53 -6.54 -18.95 -11.51
CA THR E 53 -5.87 -17.99 -12.39
C THR E 53 -5.28 -16.80 -11.62
N GLN E 54 -6.13 -16.06 -10.91
CA GLN E 54 -5.69 -14.82 -10.29
C GLN E 54 -4.63 -15.09 -9.23
N PRO E 55 -3.69 -14.16 -9.04
CA PRO E 55 -2.55 -14.42 -8.15
C PRO E 55 -2.89 -14.33 -6.67
N ALA E 56 -3.78 -13.42 -6.30
CA ALA E 56 -4.10 -13.23 -4.88
C ALA E 56 -4.79 -14.45 -4.30
N LEU E 57 -5.67 -15.09 -5.08
CA LEU E 57 -6.47 -16.21 -4.58
C LEU E 57 -5.68 -17.50 -4.65
N ARG E 58 -4.71 -17.62 -3.74
CA ARG E 58 -3.95 -18.85 -3.58
C ARG E 58 -3.83 -19.27 -2.12
N ASN E 59 -4.59 -18.63 -1.23
CA ASN E 59 -4.48 -18.88 0.19
C ASN E 59 -4.89 -20.30 0.54
N THR E 60 -4.40 -20.77 1.69
CA THR E 60 -4.71 -22.13 2.12
C THR E 60 -6.18 -22.29 2.44
N SER E 61 -6.83 -21.24 2.96
CA SER E 61 -8.25 -21.30 3.24
C SER E 61 -9.09 -21.30 1.97
N ASN E 62 -8.48 -21.06 0.81
CA ASN E 62 -9.12 -21.25 -0.48
C ASN E 62 -8.72 -22.56 -1.13
N PHE E 63 -7.99 -23.42 -0.40
CA PHE E 63 -7.58 -24.72 -0.92
C PHE E 63 -8.67 -25.77 -0.75
N PHE E 64 -9.39 -25.74 0.38
CA PHE E 64 -10.55 -26.61 0.53
C PHE E 64 -11.61 -26.30 -0.51
N LEU E 65 -11.87 -25.01 -0.73
CA LEU E 65 -13.03 -24.59 -1.51
C LEU E 65 -13.00 -25.17 -2.91
N VAL E 66 -11.82 -25.11 -3.56
CA VAL E 66 -11.69 -25.67 -4.91
C VAL E 66 -12.13 -27.12 -4.93
N SER E 67 -11.68 -27.91 -3.94
CA SER E 67 -12.07 -29.30 -3.87
C SER E 67 -13.59 -29.44 -3.92
N LEU E 68 -14.29 -28.66 -3.10
CA LEU E 68 -15.75 -28.68 -3.12
C LEU E 68 -16.26 -28.43 -4.53
N PHE E 69 -15.80 -27.35 -5.16
CA PHE E 69 -16.25 -27.05 -6.52
C PHE E 69 -15.93 -28.20 -7.46
N THR E 70 -14.77 -28.84 -7.25
CA THR E 70 -14.42 -29.98 -8.08
C THR E 70 -15.53 -31.03 -8.03
N SER E 71 -15.95 -31.39 -6.81
CA SER E 71 -17.01 -32.38 -6.68
C SER E 71 -18.22 -32.00 -7.51
N ASP E 72 -18.55 -30.71 -7.53
CA ASP E 72 -19.72 -30.26 -8.29
C ASP E 72 -19.64 -30.76 -9.74
N LEU E 73 -18.51 -30.52 -10.41
CA LEU E 73 -18.40 -31.01 -11.78
C LEU E 73 -18.54 -32.52 -11.81
N MET E 74 -17.84 -33.22 -10.92
CA MET E 74 -17.89 -34.67 -10.94
C MET E 74 -19.24 -35.16 -10.44
N VAL E 75 -20.01 -34.29 -9.79
CA VAL E 75 -21.41 -34.59 -9.52
C VAL E 75 -22.25 -34.34 -10.76
N GLY E 76 -22.01 -33.21 -11.44
CA GLY E 76 -22.89 -32.81 -12.52
C GLY E 76 -22.79 -33.71 -13.74
N LEU E 77 -21.58 -34.00 -14.20
CA LEU E 77 -21.41 -34.69 -15.47
C LEU E 77 -21.49 -36.21 -15.35
N VAL E 78 -20.96 -36.78 -14.27
CA VAL E 78 -20.89 -38.23 -14.15
C VAL E 78 -22.27 -38.83 -13.91
N VAL E 79 -23.10 -38.19 -13.09
CA VAL E 79 -24.31 -38.80 -12.56
C VAL E 79 -25.56 -38.24 -13.22
N MET E 80 -25.68 -36.92 -13.32
CA MET E 80 -26.95 -36.32 -13.74
C MET E 80 -27.41 -36.73 -15.13
N PRO E 81 -26.58 -36.75 -16.17
CA PRO E 81 -27.08 -37.07 -17.52
C PRO E 81 -27.72 -38.45 -17.61
N PRO E 82 -27.20 -39.47 -16.91
CA PRO E 82 -27.97 -40.72 -16.84
C PRO E 82 -29.37 -40.52 -16.30
N ALA E 83 -29.54 -39.64 -15.30
CA ALA E 83 -30.88 -39.39 -14.78
C ALA E 83 -31.71 -38.59 -15.77
N MET E 84 -31.10 -37.74 -16.58
CA MET E 84 -31.83 -37.09 -17.65
C MET E 84 -32.37 -38.10 -18.65
N LEU E 85 -31.53 -39.08 -19.01
CA LEU E 85 -31.99 -40.14 -19.91
C LEU E 85 -33.10 -40.96 -19.25
N ASN E 86 -32.99 -41.22 -17.96
CA ASN E 86 -34.05 -41.93 -17.24
C ASN E 86 -35.32 -41.09 -17.16
N ALA E 87 -35.21 -39.77 -17.24
CA ALA E 87 -36.40 -38.93 -17.30
C ALA E 87 -37.01 -38.95 -18.70
N LEU E 88 -36.17 -39.02 -19.73
CA LEU E 88 -36.68 -39.06 -21.10
C LEU E 88 -37.39 -40.38 -21.39
N TYR E 89 -36.77 -41.50 -21.04
CA TYR E 89 -37.30 -42.83 -21.33
C TYR E 89 -37.61 -43.55 -20.03
N GLY E 90 -38.62 -44.42 -20.06
CA GLY E 90 -39.09 -45.05 -18.84
C GLY E 90 -38.06 -45.99 -18.22
N ARG E 91 -37.37 -46.77 -19.05
CA ARG E 91 -36.51 -47.81 -18.52
C ARG E 91 -35.04 -47.42 -18.64
N TRP E 92 -34.17 -48.33 -18.21
CA TRP E 92 -32.73 -48.10 -18.29
C TRP E 92 -32.23 -48.47 -19.67
N VAL E 93 -31.74 -47.48 -20.42
CA VAL E 93 -31.37 -47.70 -21.81
C VAL E 93 -30.09 -48.54 -21.92
N LEU E 94 -29.13 -48.29 -21.03
CA LEU E 94 -27.80 -48.87 -21.17
C LEU E 94 -27.75 -50.27 -20.55
N ALA E 95 -26.54 -50.80 -20.37
CA ALA E 95 -26.34 -52.14 -19.86
C ALA E 95 -26.79 -52.26 -18.41
N ARG E 96 -27.15 -53.49 -18.02
CA ARG E 96 -27.62 -53.72 -16.65
C ARG E 96 -26.47 -53.68 -15.66
N GLY E 97 -25.28 -54.12 -16.08
CA GLY E 97 -24.16 -54.17 -15.15
C GLY E 97 -23.65 -52.80 -14.73
N LEU E 98 -24.05 -51.75 -15.46
CA LEU E 98 -23.59 -50.41 -15.15
C LEU E 98 -24.40 -49.77 -14.02
N CYS E 99 -25.48 -50.43 -13.58
CA CYS E 99 -26.34 -49.83 -12.56
C CYS E 99 -25.62 -49.70 -11.22
N LEU E 100 -24.83 -50.71 -10.85
CA LEU E 100 -24.07 -50.64 -9.61
C LEU E 100 -23.05 -49.52 -9.65
N LEU E 101 -22.37 -49.35 -10.79
CA LEU E 101 -21.40 -48.28 -10.93
C LEU E 101 -22.09 -46.92 -10.84
N TRP E 102 -23.26 -46.78 -11.46
CA TRP E 102 -23.99 -45.52 -11.38
C TRP E 102 -24.40 -45.21 -9.95
N THR E 103 -24.88 -46.21 -9.22
CA THR E 103 -25.27 -46.00 -7.83
C THR E 103 -24.08 -45.59 -6.97
N ALA E 104 -22.95 -46.28 -7.14
CA ALA E 104 -21.75 -45.93 -6.38
C ALA E 104 -21.28 -44.53 -6.72
N PHE E 105 -21.34 -44.15 -7.99
CA PHE E 105 -20.97 -42.80 -8.39
C PHE E 105 -21.86 -41.77 -7.72
N ASP E 106 -23.18 -41.98 -7.73
CA ASP E 106 -24.08 -41.05 -7.05
C ASP E 106 -23.73 -40.92 -5.58
N VAL E 107 -23.54 -42.05 -4.90
CA VAL E 107 -23.28 -42.02 -3.47
C VAL E 107 -21.98 -41.27 -3.18
N MET E 108 -20.92 -41.56 -3.93
CA MET E 108 -19.63 -40.92 -3.65
C MET E 108 -19.66 -39.44 -4.00
N CYS E 109 -20.21 -39.08 -5.16
CA CYS E 109 -20.43 -37.69 -5.53
C CYS E 109 -21.04 -36.92 -4.37
N CYS E 110 -22.24 -37.32 -3.96
CA CYS E 110 -22.96 -36.54 -2.96
C CYS E 110 -22.28 -36.60 -1.60
N SER E 111 -21.73 -37.76 -1.23
CA SER E 111 -21.08 -37.88 0.06
C SER E 111 -19.90 -36.94 0.18
N ALA E 112 -19.07 -36.85 -0.86
CA ALA E 112 -17.98 -35.89 -0.85
C ALA E 112 -18.51 -34.47 -0.87
N SER E 113 -19.59 -34.21 -1.60
CA SER E 113 -20.12 -32.84 -1.66
C SER E 113 -20.53 -32.33 -0.30
N ILE E 114 -21.25 -33.14 0.48
CA ILE E 114 -21.57 -32.73 1.84
C ILE E 114 -20.34 -32.75 2.74
N LEU E 115 -19.50 -33.79 2.66
CA LEU E 115 -18.41 -33.93 3.62
C LEU E 115 -17.34 -32.87 3.45
N ASN E 116 -17.26 -32.22 2.28
CA ASN E 116 -16.38 -31.05 2.16
C ASN E 116 -16.95 -29.82 2.82
N LEU E 117 -18.26 -29.77 3.07
CA LEU E 117 -18.87 -28.60 3.68
C LEU E 117 -18.56 -28.48 5.17
N CYS E 118 -18.09 -29.55 5.80
CA CYS E 118 -17.72 -29.47 7.21
C CYS E 118 -16.28 -29.02 7.40
N LEU E 119 -15.38 -29.33 6.47
CA LEU E 119 -14.00 -28.88 6.60
C LEU E 119 -13.86 -27.39 6.37
N ILE E 120 -14.70 -26.81 5.50
CA ILE E 120 -14.70 -25.36 5.34
C ILE E 120 -15.11 -24.68 6.64
N SER E 121 -16.06 -25.28 7.38
CA SER E 121 -16.54 -24.69 8.61
C SER E 121 -15.64 -24.99 9.81
N LEU E 122 -14.81 -26.04 9.74
CA LEU E 122 -13.73 -26.20 10.69
C LEU E 122 -12.47 -25.42 10.30
N ASP E 123 -12.45 -24.86 9.10
CA ASP E 123 -11.39 -23.93 8.73
C ASP E 123 -11.74 -22.50 9.11
N ARG E 124 -12.99 -22.10 8.88
CA ARG E 124 -13.45 -20.78 9.28
C ARG E 124 -13.62 -20.65 10.79
N TYR E 125 -13.75 -21.76 11.51
CA TYR E 125 -13.84 -21.71 12.96
C TYR E 125 -12.47 -21.41 13.59
N LEU E 126 -11.43 -22.06 13.09
CA LEU E 126 -10.08 -21.92 13.64
C LEU E 126 -9.40 -20.63 13.23
N LEU E 127 -9.93 -19.93 12.23
CA LEU E 127 -9.34 -18.71 11.73
C LEU E 127 -10.01 -17.46 12.28
N ILE E 128 -11.30 -17.54 12.59
CA ILE E 128 -12.02 -16.40 13.15
C ILE E 128 -12.02 -16.40 14.67
N LEU E 129 -11.97 -17.57 15.31
CA LEU E 129 -12.03 -17.66 16.76
C LEU E 129 -10.68 -17.92 17.41
N SER E 130 -9.59 -17.89 16.64
CA SER E 130 -8.23 -17.98 17.18
C SER E 130 -7.26 -17.43 16.16
N PRO E 131 -7.34 -16.14 15.86
CA PRO E 131 -6.70 -15.63 14.64
C PRO E 131 -5.19 -15.52 14.70
N LEU E 132 -4.59 -15.52 15.89
CA LEU E 132 -3.15 -15.31 16.00
C LEU E 132 -2.34 -16.59 15.96
N ARG E 133 -2.98 -17.76 16.00
CA ARG E 133 -2.27 -19.02 16.01
C ARG E 133 -2.79 -20.00 14.95
N TYR E 134 -3.29 -19.45 13.84
CA TYR E 134 -3.74 -20.28 12.73
C TYR E 134 -2.58 -20.65 11.80
N LYS E 135 -1.67 -19.70 11.57
CA LYS E 135 -0.61 -19.90 10.59
C LYS E 135 0.37 -20.98 11.01
N LEU E 136 0.72 -21.04 12.29
CA LEU E 136 1.67 -22.03 12.80
C LEU E 136 1.02 -23.34 13.19
N ARG E 137 -0.28 -23.49 12.93
CA ARG E 137 -1.03 -24.67 13.32
C ARG E 137 -1.83 -25.29 12.17
N MET E 138 -1.88 -24.65 11.01
CA MET E 138 -2.49 -25.21 9.80
C MET E 138 -1.58 -24.91 8.62
N THR E 139 -0.67 -25.83 8.31
CA THR E 139 0.20 -25.73 7.16
C THR E 139 -0.46 -26.39 5.94
N PRO E 140 0.03 -26.10 4.73
CA PRO E 140 -0.58 -26.73 3.54
C PRO E 140 -0.51 -28.25 3.55
N LEU E 141 0.49 -28.83 4.22
CA LEU E 141 0.58 -30.29 4.27
C LEU E 141 -0.63 -30.89 4.98
N ARG E 142 -1.03 -30.30 6.11
CA ARG E 142 -2.21 -30.80 6.80
C ARG E 142 -3.48 -30.54 6.02
N ALA E 143 -3.53 -29.45 5.25
CA ALA E 143 -4.69 -29.22 4.39
C ALA E 143 -4.82 -30.31 3.34
N LEU E 144 -3.70 -30.67 2.70
CA LEU E 144 -3.73 -31.77 1.74
C LEU E 144 -4.13 -33.07 2.42
N ALA E 145 -3.61 -33.32 3.62
CA ALA E 145 -3.96 -34.53 4.36
C ALA E 145 -5.45 -34.58 4.67
N LEU E 146 -6.02 -33.45 5.09
CA LEU E 146 -7.45 -33.42 5.40
C LEU E 146 -8.30 -33.66 4.16
N VAL E 147 -7.97 -33.01 3.05
CA VAL E 147 -8.77 -33.18 1.83
C VAL E 147 -8.70 -34.62 1.36
N LEU E 148 -7.50 -35.20 1.37
CA LEU E 148 -7.35 -36.59 0.97
C LEU E 148 -8.10 -37.53 1.91
N GLY E 149 -8.05 -37.27 3.22
CA GLY E 149 -8.80 -38.10 4.14
C GLY E 149 -10.30 -38.04 3.91
N ALA E 150 -10.82 -36.84 3.64
CA ALA E 150 -12.26 -36.70 3.37
C ALA E 150 -12.65 -37.46 2.10
N TRP E 151 -11.90 -37.25 1.01
CA TRP E 151 -12.20 -37.97 -0.21
C TRP E 151 -12.10 -39.48 -0.02
N SER E 152 -11.11 -39.92 0.76
CA SER E 152 -10.96 -41.35 1.01
C SER E 152 -12.13 -41.92 1.78
N LEU E 153 -12.55 -41.23 2.84
CA LEU E 153 -13.70 -41.70 3.60
C LEU E 153 -14.93 -41.81 2.71
N ALA E 154 -15.17 -40.79 1.89
CA ALA E 154 -16.32 -40.84 0.99
C ALA E 154 -16.20 -42.01 0.02
N ALA E 155 -15.02 -42.19 -0.59
CA ALA E 155 -14.84 -43.20 -1.61
C ALA E 155 -15.04 -44.60 -1.05
N LEU E 156 -14.41 -44.89 0.09
CA LEU E 156 -14.64 -46.19 0.72
C LEU E 156 -16.11 -46.38 1.09
N ALA E 157 -16.69 -45.44 1.85
CA ALA E 157 -18.05 -45.60 2.33
C ALA E 157 -19.06 -45.73 1.20
N SER E 158 -18.70 -45.26 0.00
CA SER E 158 -19.62 -45.37 -1.13
C SER E 158 -19.38 -46.66 -1.93
N PHE E 159 -18.13 -46.94 -2.30
CA PHE E 159 -17.88 -48.02 -3.24
C PHE E 159 -17.74 -49.38 -2.56
N LEU E 160 -17.06 -49.44 -1.41
CA LEU E 160 -16.74 -50.75 -0.85
C LEU E 160 -17.97 -51.57 -0.50
N PRO E 161 -18.91 -51.09 0.34
CA PRO E 161 -20.06 -51.95 0.67
C PRO E 161 -20.99 -52.15 -0.51
N LEU E 162 -21.12 -51.14 -1.38
CA LEU E 162 -21.97 -51.29 -2.56
C LEU E 162 -21.40 -52.33 -3.51
N LEU E 163 -20.09 -52.28 -3.77
CA LEU E 163 -19.48 -53.28 -4.64
C LEU E 163 -19.55 -54.67 -4.02
N LEU E 164 -19.32 -54.77 -2.71
CA LEU E 164 -19.44 -56.06 -2.05
C LEU E 164 -20.88 -56.41 -1.67
N GLY E 165 -21.82 -55.50 -1.89
CA GLY E 165 -23.23 -55.77 -1.67
C GLY E 165 -23.56 -56.20 -0.26
N TRP E 166 -22.91 -55.58 0.73
CA TRP E 166 -23.02 -56.06 2.10
C TRP E 166 -24.44 -55.89 2.64
N HIS E 167 -25.07 -54.76 2.34
CA HIS E 167 -26.37 -54.42 2.91
C HIS E 167 -27.42 -54.24 1.82
N GLU E 168 -27.45 -55.16 0.86
CA GLU E 168 -28.49 -55.17 -0.18
C GLU E 168 -29.47 -56.29 0.17
N LEU E 169 -30.43 -55.96 1.04
CA LEU E 169 -31.45 -56.91 1.47
C LEU E 169 -32.67 -56.11 1.93
N GLY E 170 -33.64 -56.82 2.49
CA GLY E 170 -34.84 -56.18 3.02
C GLY E 170 -35.91 -55.85 2.00
N HIS E 171 -35.51 -55.34 0.84
CA HIS E 171 -36.46 -54.98 -0.20
C HIS E 171 -37.20 -56.23 -0.70
N ALA E 172 -38.47 -56.04 -1.05
CA ALA E 172 -39.29 -57.18 -1.47
C ALA E 172 -38.76 -57.80 -2.76
N ARG E 173 -38.54 -56.98 -3.79
CA ARG E 173 -38.11 -57.52 -5.08
C ARG E 173 -37.63 -56.38 -5.96
N PRO E 174 -36.63 -56.60 -6.80
CA PRO E 174 -36.19 -55.57 -7.75
C PRO E 174 -37.26 -55.31 -8.80
N PRO E 175 -37.23 -54.16 -9.46
CA PRO E 175 -38.24 -53.87 -10.49
C PRO E 175 -38.07 -54.78 -11.70
N VAL E 176 -39.10 -55.59 -11.97
CA VAL E 176 -39.06 -56.47 -13.14
C VAL E 176 -38.81 -55.68 -14.43
N PRO E 177 -39.42 -54.51 -14.68
CA PRO E 177 -39.09 -53.77 -15.91
C PRO E 177 -37.61 -53.44 -16.03
N GLY E 178 -36.93 -53.29 -14.91
CA GLY E 178 -35.50 -53.06 -14.88
C GLY E 178 -35.05 -51.68 -14.47
N GLN E 179 -35.77 -51.01 -13.57
CA GLN E 179 -35.34 -49.70 -13.11
C GLN E 179 -34.06 -49.81 -12.30
N CYS E 180 -33.23 -48.78 -12.38
CA CYS E 180 -31.95 -48.74 -11.68
C CYS E 180 -32.05 -48.07 -10.31
N ARG E 181 -33.27 -47.75 -9.86
CA ARG E 181 -33.44 -47.03 -8.61
C ARG E 181 -32.81 -47.79 -7.45
N LEU E 182 -32.15 -47.05 -6.57
CA LEU E 182 -31.44 -47.67 -5.46
C LEU E 182 -32.42 -48.18 -4.41
N LEU E 183 -32.22 -49.43 -3.99
CA LEU E 183 -32.95 -50.01 -2.87
C LEU E 183 -31.95 -50.47 -1.82
N ALA E 184 -32.26 -50.18 -0.56
CA ALA E 184 -31.34 -50.48 0.53
C ALA E 184 -32.09 -51.11 1.69
N SER E 185 -31.33 -51.70 2.61
CA SER E 185 -31.87 -52.28 3.83
C SER E 185 -31.86 -51.27 4.96
N LEU E 186 -32.53 -51.62 6.05
CA LEU E 186 -32.65 -50.69 7.18
C LEU E 186 -31.31 -50.36 7.83
N PRO E 187 -30.44 -51.32 8.16
CA PRO E 187 -29.16 -50.94 8.77
C PRO E 187 -28.34 -49.99 7.93
N PHE E 188 -28.30 -50.21 6.62
CA PHE E 188 -27.54 -49.34 5.74
C PHE E 188 -28.10 -47.92 5.76
N VAL E 189 -29.40 -47.77 5.56
CA VAL E 189 -30.00 -46.45 5.49
C VAL E 189 -29.99 -45.74 6.84
N LEU E 190 -29.89 -46.48 7.94
CA LEU E 190 -29.82 -45.84 9.25
C LEU E 190 -28.38 -45.67 9.76
N VAL E 191 -27.38 -46.20 9.07
CA VAL E 191 -25.99 -46.07 9.49
C VAL E 191 -25.20 -45.18 8.52
N ALA E 192 -25.17 -45.53 7.23
CA ALA E 192 -24.39 -44.75 6.28
C ALA E 192 -24.94 -43.33 6.17
N SER E 193 -26.24 -43.21 5.93
CA SER E 193 -26.87 -41.89 5.93
C SER E 193 -26.71 -41.22 7.29
N GLY E 194 -26.89 -41.99 8.37
CA GLY E 194 -26.76 -41.43 9.70
C GLY E 194 -25.43 -40.72 9.89
N LEU E 195 -24.33 -41.43 9.73
CA LEU E 195 -23.02 -40.79 9.79
C LEU E 195 -22.93 -39.64 8.81
N THR E 196 -22.98 -39.96 7.51
CA THR E 196 -22.61 -39.04 6.45
C THR E 196 -23.44 -37.75 6.46
N PHE E 197 -24.62 -37.76 7.06
CA PHE E 197 -25.39 -36.53 7.14
C PHE E 197 -25.45 -35.95 8.55
N PHE E 198 -25.85 -36.75 9.53
CA PHE E 198 -26.10 -36.22 10.87
C PHE E 198 -24.82 -35.85 11.61
N LEU E 199 -23.65 -36.35 11.23
CA LEU E 199 -22.47 -35.82 11.91
C LEU E 199 -22.05 -34.48 11.33
N PRO E 200 -21.94 -34.34 10.00
CA PRO E 200 -21.62 -33.02 9.44
C PRO E 200 -22.64 -31.96 9.81
N SER E 201 -23.90 -32.33 9.94
CA SER E 201 -24.92 -31.35 10.33
C SER E 201 -24.62 -30.76 11.70
N GLY E 202 -24.29 -31.62 12.66
CA GLY E 202 -23.94 -31.13 13.99
C GLY E 202 -22.69 -30.28 13.98
N ALA E 203 -21.66 -30.71 13.23
CA ALA E 203 -20.44 -29.93 13.16
C ALA E 203 -20.70 -28.54 12.58
N ILE E 204 -21.44 -28.48 11.46
CA ILE E 204 -21.75 -27.20 10.82
C ILE E 204 -22.54 -26.32 11.77
N CYS E 205 -23.54 -26.90 12.44
CA CYS E 205 -24.39 -26.10 13.32
C CYS E 205 -23.58 -25.49 14.46
N PHE E 206 -22.72 -26.30 15.09
CA PHE E 206 -21.92 -25.79 16.20
C PHE E 206 -20.96 -24.70 15.74
N THR E 207 -20.30 -24.92 14.60
CA THR E 207 -19.34 -23.92 14.11
C THR E 207 -20.01 -22.60 13.79
N TYR E 208 -21.10 -22.63 13.02
CA TYR E 208 -21.76 -21.37 12.68
C TYR E 208 -22.42 -20.72 13.89
N CYS E 209 -22.85 -21.51 14.89
CA CYS E 209 -23.36 -20.89 16.11
C CYS E 209 -22.26 -20.09 16.81
N ARG E 210 -21.08 -20.68 16.96
CA ARG E 210 -19.99 -19.95 17.60
C ARG E 210 -19.61 -18.70 16.81
N ILE E 211 -19.59 -18.81 15.48
CA ILE E 211 -19.25 -17.65 14.64
C ILE E 211 -20.28 -16.54 14.83
N LEU E 212 -21.57 -16.90 14.89
CA LEU E 212 -22.61 -15.90 15.08
C LEU E 212 -22.45 -15.19 16.43
N LEU E 213 -22.17 -15.95 17.49
CA LEU E 213 -21.96 -15.32 18.79
C LEU E 213 -20.76 -14.38 18.79
N ALA E 214 -19.66 -14.79 18.14
CA ALA E 214 -18.49 -13.93 18.06
C ALA E 214 -18.80 -12.64 17.32
N ALA E 215 -19.54 -12.74 16.21
CA ALA E 215 -19.90 -11.54 15.45
C ALA E 215 -20.77 -10.62 16.29
N ARG E 216 -21.71 -11.19 17.06
CA ARG E 216 -22.55 -10.35 17.92
C ARG E 216 -21.71 -9.63 18.98
N LYS E 217 -20.74 -10.35 19.58
CA LYS E 217 -19.89 -9.71 20.58
C LYS E 217 -19.09 -8.56 19.98
N GLN E 218 -18.50 -8.77 18.80
CA GLN E 218 -17.75 -7.67 18.20
C GLN E 218 -18.66 -6.51 17.82
N ALA E 219 -19.87 -6.80 17.34
CA ALA E 219 -20.80 -5.73 16.99
C ALA E 219 -21.18 -4.90 18.21
N VAL E 220 -21.41 -5.57 19.35
CA VAL E 220 -21.79 -4.80 20.54
C VAL E 220 -20.60 -4.01 21.08
N GLN E 221 -19.39 -4.56 20.96
CA GLN E 221 -18.22 -3.82 21.42
C GLN E 221 -17.94 -2.60 20.54
N VAL E 222 -18.21 -2.72 19.24
CA VAL E 222 -17.97 -1.59 18.33
C VAL E 222 -18.84 -0.39 18.69
N ALA E 223 -20.13 -0.64 18.98
CA ALA E 223 -21.07 0.45 19.18
C ALA E 223 -20.75 1.24 20.45
N SER E 224 -20.24 0.57 21.48
CA SER E 224 -19.94 1.24 22.74
C SER E 224 -18.80 2.24 22.61
N LEU E 225 -18.03 2.20 21.53
CA LEU E 225 -16.89 3.07 21.37
C LEU E 225 -17.02 3.94 20.12
N LEU E 264 -28.64 -7.79 11.89
CA LEU E 264 -27.40 -7.39 11.24
C LEU E 264 -27.01 -8.37 10.13
N LYS E 265 -25.85 -8.15 9.51
CA LYS E 265 -25.56 -8.81 8.24
C LYS E 265 -25.27 -10.30 8.42
N ALA E 266 -24.65 -10.67 9.55
CA ALA E 266 -24.33 -12.07 9.77
C ALA E 266 -25.59 -12.92 9.79
N SER E 267 -26.68 -12.38 10.34
CA SER E 267 -27.94 -13.11 10.34
C SER E 267 -28.36 -13.48 8.92
N LEU E 268 -28.39 -12.50 8.02
CA LEU E 268 -28.79 -12.77 6.65
C LEU E 268 -27.84 -13.75 5.98
N THR E 269 -26.53 -13.54 6.13
CA THR E 269 -25.55 -14.37 5.42
C THR E 269 -25.65 -15.81 5.86
N LEU E 270 -25.58 -16.06 7.17
CA LEU E 270 -25.61 -17.43 7.66
C LEU E 270 -26.98 -18.05 7.44
N GLY E 271 -28.05 -17.25 7.52
CA GLY E 271 -29.37 -17.78 7.24
C GLY E 271 -29.50 -18.29 5.83
N ILE E 272 -29.02 -17.53 4.85
CA ILE E 272 -29.10 -17.97 3.46
C ILE E 272 -28.24 -19.21 3.25
N LEU E 273 -27.01 -19.17 3.77
CA LEU E 273 -26.08 -20.27 3.51
C LEU E 273 -26.55 -21.57 4.15
N LEU E 274 -27.17 -21.52 5.32
CA LEU E 274 -27.67 -22.75 5.93
C LEU E 274 -29.05 -23.13 5.43
N GLY E 275 -29.86 -22.15 5.04
CA GLY E 275 -31.14 -22.47 4.47
C GLY E 275 -31.03 -23.24 3.17
N MET E 276 -30.12 -22.82 2.29
CA MET E 276 -29.94 -23.58 1.05
C MET E 276 -29.65 -25.04 1.33
N PHE E 277 -28.65 -25.30 2.18
CA PHE E 277 -28.24 -26.67 2.44
C PHE E 277 -29.37 -27.47 3.08
N PHE E 278 -30.03 -26.91 4.09
CA PHE E 278 -31.04 -27.68 4.80
C PHE E 278 -32.26 -27.95 3.93
N VAL E 279 -32.83 -26.90 3.30
CA VAL E 279 -34.03 -27.12 2.51
C VAL E 279 -33.70 -27.94 1.27
N THR E 280 -32.42 -28.03 0.91
CA THR E 280 -32.06 -28.76 -0.30
C THR E 280 -31.77 -30.22 -0.03
N TRP E 281 -31.29 -30.56 1.17
CA TRP E 281 -30.91 -31.94 1.43
C TRP E 281 -31.78 -32.67 2.44
N LEU E 282 -32.37 -31.97 3.43
CA LEU E 282 -33.15 -32.65 4.46
C LEU E 282 -34.33 -33.45 3.91
N PRO E 283 -35.12 -32.96 2.94
CA PRO E 283 -36.28 -33.76 2.49
C PRO E 283 -35.90 -35.16 2.01
N PHE E 284 -34.81 -35.31 1.28
CA PHE E 284 -34.43 -36.63 0.80
C PHE E 284 -34.08 -37.55 1.96
N PHE E 285 -33.33 -37.03 2.94
CA PHE E 285 -32.90 -37.87 4.05
C PHE E 285 -34.03 -38.15 5.04
N VAL E 286 -35.12 -37.40 4.98
CA VAL E 286 -36.27 -37.76 5.81
C VAL E 286 -37.22 -38.69 5.04
N ALA E 287 -37.22 -38.61 3.71
CA ALA E 287 -38.03 -39.53 2.92
C ALA E 287 -37.41 -40.92 2.84
N ASN E 288 -36.08 -41.01 2.92
CA ASN E 288 -35.42 -42.31 2.79
C ASN E 288 -35.82 -43.26 3.92
N ILE E 289 -35.85 -42.76 5.15
CA ILE E 289 -36.19 -43.63 6.28
C ILE E 289 -37.63 -44.11 6.17
N VAL E 290 -38.53 -43.22 5.72
CA VAL E 290 -39.92 -43.61 5.50
C VAL E 290 -40.00 -44.70 4.43
N GLN E 291 -39.27 -44.53 3.33
CA GLN E 291 -39.30 -45.54 2.27
C GLN E 291 -38.62 -46.84 2.71
N ALA E 292 -37.77 -46.77 3.72
CA ALA E 292 -37.10 -47.98 4.20
C ALA E 292 -37.99 -48.75 5.16
N VAL E 293 -38.69 -48.05 6.04
CA VAL E 293 -39.59 -48.72 6.98
C VAL E 293 -40.83 -49.24 6.26
N CYS E 294 -41.29 -48.53 5.23
CA CYS E 294 -42.51 -48.89 4.52
C CYS E 294 -42.40 -48.41 3.08
N ASP E 295 -43.26 -48.97 2.22
CA ASP E 295 -43.36 -48.53 0.84
C ASP E 295 -44.44 -47.47 0.66
N CYS E 296 -44.70 -46.67 1.70
CA CYS E 296 -45.84 -45.76 1.69
C CYS E 296 -45.70 -44.69 0.61
N ILE E 297 -44.50 -44.12 0.46
CA ILE E 297 -44.31 -43.04 -0.50
C ILE E 297 -44.39 -43.58 -1.92
N SER E 298 -45.21 -42.95 -2.74
CA SER E 298 -45.40 -43.40 -4.11
C SER E 298 -44.24 -42.93 -4.99
N PRO E 299 -43.61 -43.86 -5.72
CA PRO E 299 -42.51 -43.47 -6.61
C PRO E 299 -42.96 -42.43 -7.63
N GLY E 300 -42.03 -41.53 -7.96
CA GLY E 300 -42.32 -40.42 -8.84
C GLY E 300 -42.12 -39.10 -8.13
N LEU E 301 -42.59 -39.03 -6.88
CA LEU E 301 -42.22 -37.92 -6.03
C LEU E 301 -40.78 -38.06 -5.53
N PHE E 302 -40.29 -39.30 -5.48
CA PHE E 302 -38.92 -39.56 -5.06
C PHE E 302 -37.92 -38.88 -6.00
N ASP E 303 -38.18 -38.94 -7.30
CA ASP E 303 -37.30 -38.28 -8.26
C ASP E 303 -37.33 -36.76 -8.07
N VAL E 304 -38.52 -36.21 -7.83
CA VAL E 304 -38.63 -34.78 -7.58
C VAL E 304 -37.82 -34.40 -6.35
N LEU E 305 -37.81 -35.27 -5.34
CA LEU E 305 -37.05 -34.98 -4.14
C LEU E 305 -35.54 -35.05 -4.41
N THR E 306 -35.08 -36.07 -5.14
CA THR E 306 -33.65 -36.21 -5.36
C THR E 306 -33.10 -35.16 -6.33
N TRP E 307 -33.95 -34.57 -7.17
CA TRP E 307 -33.48 -33.48 -8.02
C TRP E 307 -33.02 -32.29 -7.20
N LEU E 308 -33.62 -32.05 -6.04
CA LEU E 308 -33.11 -31.01 -5.16
C LEU E 308 -31.71 -31.34 -4.65
N GLY E 309 -31.50 -32.60 -4.26
CA GLY E 309 -30.19 -33.00 -3.80
C GLY E 309 -29.13 -32.81 -4.86
N TYR E 310 -29.49 -33.03 -6.13
CA TYR E 310 -28.55 -32.70 -7.19
C TYR E 310 -28.43 -31.20 -7.45
N CYS E 311 -29.50 -30.43 -7.27
CA CYS E 311 -29.48 -29.00 -7.58
C CYS E 311 -28.74 -28.19 -6.53
N ASN E 312 -28.44 -28.80 -5.38
CA ASN E 312 -27.52 -28.16 -4.44
C ASN E 312 -26.22 -27.75 -5.12
N SER E 313 -25.67 -28.63 -5.96
CA SER E 313 -24.44 -28.33 -6.68
C SER E 313 -24.67 -27.27 -7.75
N THR E 314 -25.92 -27.11 -8.20
CA THR E 314 -26.24 -26.00 -9.10
C THR E 314 -26.17 -24.67 -8.35
N MET E 315 -26.70 -24.64 -7.13
CA MET E 315 -26.84 -23.35 -6.45
C MET E 315 -25.57 -22.95 -5.70
N ASN E 316 -24.67 -23.90 -5.43
CA ASN E 316 -23.52 -23.60 -4.58
C ASN E 316 -22.58 -22.53 -5.17
N PRO E 317 -22.17 -22.59 -6.44
CA PRO E 317 -21.40 -21.48 -7.02
C PRO E 317 -22.09 -20.13 -6.94
N ILE E 318 -23.42 -20.11 -6.94
CA ILE E 318 -24.14 -18.84 -6.92
C ILE E 318 -23.98 -18.17 -5.55
N ILE E 319 -23.85 -18.96 -4.49
CA ILE E 319 -23.95 -18.39 -3.15
C ILE E 319 -22.57 -18.20 -2.52
N TYR E 320 -21.70 -19.24 -2.55
CA TYR E 320 -20.46 -19.02 -1.78
C TYR E 320 -19.56 -17.90 -2.29
N PRO E 321 -19.30 -17.78 -3.60
CA PRO E 321 -18.55 -16.60 -4.07
C PRO E 321 -19.28 -15.29 -3.87
N LEU E 322 -20.60 -15.32 -3.62
CA LEU E 322 -21.35 -14.07 -3.50
C LEU E 322 -21.05 -13.35 -2.20
N PHE E 323 -20.60 -14.08 -1.18
CA PHE E 323 -20.39 -13.50 0.15
C PHE E 323 -18.93 -13.20 0.46
N MET E 324 -18.01 -13.47 -0.46
CA MET E 324 -16.60 -13.12 -0.25
C MET E 324 -16.26 -11.88 -1.06
N ARG E 325 -15.57 -10.94 -0.40
CA ARG E 325 -15.22 -9.68 -1.06
C ARG E 325 -14.03 -9.85 -1.99
N ASP E 326 -13.08 -10.73 -1.65
CA ASP E 326 -11.94 -10.96 -2.52
C ASP E 326 -12.36 -11.62 -3.82
N PHE E 327 -13.23 -12.63 -3.76
CA PHE E 327 -13.76 -13.24 -4.97
C PHE E 327 -14.55 -12.22 -5.80
N LYS E 328 -15.34 -11.38 -5.13
CA LYS E 328 -16.15 -10.41 -5.83
C LYS E 328 -15.28 -9.39 -6.57
N ARG E 329 -14.21 -8.93 -5.94
CA ARG E 329 -13.30 -8.00 -6.61
C ARG E 329 -12.53 -8.70 -7.73
N ALA E 330 -12.16 -9.95 -7.54
CA ALA E 330 -11.46 -10.69 -8.59
C ALA E 330 -12.34 -10.86 -9.82
N LEU E 331 -13.62 -11.17 -9.61
CA LEU E 331 -14.54 -11.31 -10.75
C LEU E 331 -14.71 -9.99 -11.49
N GLY E 332 -14.86 -8.89 -10.77
CA GLY E 332 -15.04 -7.59 -11.38
C GLY E 332 -13.79 -7.06 -12.05
C11 UQL F . -28.33 -40.27 -1.95
C13 UQL F . -28.58 -41.47 -3.99
C1 UQL F . -27.61 -44.09 2.19
C2 UQL F . -26.74 -43.03 2.47
C3 UQL F . -26.50 -42.12 1.50
C4 UQL F . -27.11 -42.21 0.18
C5 UQL F . -27.96 -43.25 -0.08
C6 UQL F . -28.21 -44.20 0.91
C7 UQL F . -25.75 -40.36 0.28
C8 UQL F . -26.55 -41.09 -0.40
C9 UQL F . -25.02 -39.09 -0.10
C10 UQL F . -26.88 -40.70 -1.84
C12 UQL F . -27.93 -39.19 -4.03
N1 UQL F . -25.74 -40.98 1.38
N2 UQL F . -28.73 -40.18 -3.35
CL1 UQL F . -29.31 -45.58 0.59
#